data_4KNA
#
_entry.id   4KNA
#
_cell.length_a   170.050
_cell.length_b   120.690
_cell.length_c   53.910
_cell.angle_alpha   90.000
_cell.angle_beta   107.360
_cell.angle_gamma   90.000
#
_symmetry.space_group_name_H-M   'C 1 2 1'
#
loop_
_entity.id
_entity.type
_entity.pdbx_description
1 polymer 'N-succinylglutamate 5-semialdehyde dehydrogenase'
2 non-polymer 'CHLORIDE ION'
3 non-polymer 1,2-ETHANEDIOL
4 non-polymer 'CALCIUM ION'
5 water water
#
_entity_poly.entity_id   1
_entity_poly.type   'polypeptide(L)'
_entity_poly.pdbx_seq_one_letter_code
;MAHHHHHHMTELFIDGAWVDGAGPVFASRNPGTNERVWEGASASADDVERAVASARRAFAAWSALDLDARCTIVKRFAAL
LVERKEALATMIGRETGKPLWEARTEVASMAAKVDISITAYHERTGEKRAPMADGVAVLRHRPHGVVAVFGPYNFPGHLP
NGHIVPALIAGNTVVFKPSELAPGVARATVEIWRDAGLPAGVLNLVQGEKDTGVALANHRQIDGLFFTGSSDTGTLLHKQ
FGGRPEIVLALEMGGNNPLVVAEVEDIDAAVHHAIQSAFLSAGQRCTCARRILVPRGAFGDRFVARLADVASKITASVFD
ADPQPFMGAVISARAASRLVAAQARLVGLGASPIIEMKQRDPALGFVNAAILDVTNVRELPDEEHFGPLAQIVRYTDLDD
AIARANDTAFGLSAGLLADDEQAWHTFRRAIRAGIVNWNRPTNGASSAAPFGGAGRSGNHRPSAYYAADYCAYPMASVES
AQLQMPASLSPGLHF
;
_entity_poly.pdbx_strand_id   A,B
#
# COMPACT_ATOMS: atom_id res chain seq x y z
N MET A 9 -6.19 -14.42 -37.12
CA MET A 9 -5.73 -15.57 -36.32
C MET A 9 -6.32 -15.50 -34.91
N THR A 10 -6.09 -16.57 -34.15
CA THR A 10 -6.47 -16.64 -32.76
C THR A 10 -5.63 -15.60 -32.01
N GLU A 11 -6.28 -14.65 -31.34
CA GLU A 11 -5.55 -13.56 -30.67
C GLU A 11 -5.65 -13.50 -29.15
N LEU A 12 -6.56 -14.23 -28.53
CA LEU A 12 -6.62 -14.25 -27.07
C LEU A 12 -5.77 -15.41 -26.59
N PHE A 13 -5.09 -15.28 -25.44
CA PHE A 13 -4.37 -16.44 -24.87
C PHE A 13 -5.04 -16.75 -23.58
N ILE A 14 -5.81 -17.83 -23.56
CA ILE A 14 -6.57 -18.20 -22.38
C ILE A 14 -6.30 -19.69 -22.08
N ASP A 15 -5.93 -19.95 -20.84
CA ASP A 15 -5.69 -21.30 -20.36
C ASP A 15 -4.75 -22.12 -21.24
N GLY A 16 -3.68 -21.47 -21.70
CA GLY A 16 -2.58 -22.17 -22.37
C GLY A 16 -2.74 -22.34 -23.86
N ALA A 17 -3.72 -21.68 -24.43
CA ALA A 17 -4.00 -21.80 -25.86
C ALA A 17 -4.44 -20.48 -26.44
N TRP A 18 -4.08 -20.27 -27.70
CA TRP A 18 -4.56 -19.12 -28.44
C TRP A 18 -5.97 -19.46 -28.91
N VAL A 19 -6.92 -18.60 -28.58
CA VAL A 19 -8.31 -18.76 -28.95
C VAL A 19 -8.81 -17.49 -29.64
N ASP A 20 -9.90 -17.64 -30.37
CA ASP A 20 -10.50 -16.54 -31.12
C ASP A 20 -11.40 -15.76 -30.20
N GLY A 21 -11.33 -14.43 -30.26
CA GLY A 21 -12.18 -13.60 -29.41
C GLY A 21 -13.58 -13.45 -29.95
N ALA A 22 -14.55 -13.16 -29.09
CA ALA A 22 -15.97 -12.95 -29.52
C ALA A 22 -16.34 -11.48 -29.73
N GLY A 23 -15.43 -10.58 -29.41
CA GLY A 23 -15.77 -9.15 -29.39
C GLY A 23 -15.43 -8.51 -30.72
N PRO A 24 -15.78 -7.22 -30.89
CA PRO A 24 -15.51 -6.52 -32.14
C PRO A 24 -14.05 -6.55 -32.52
N VAL A 25 -13.80 -6.61 -33.82
CA VAL A 25 -12.45 -6.54 -34.36
C VAL A 25 -11.92 -5.11 -34.22
N PHE A 26 -10.64 -4.98 -33.89
CA PHE A 26 -9.98 -3.67 -33.97
C PHE A 26 -8.57 -3.80 -34.55
N ALA A 27 -7.94 -2.70 -34.85
CA ALA A 27 -6.59 -2.76 -35.42
C ALA A 27 -5.66 -1.79 -34.76
N SER A 28 -4.37 -2.04 -34.89
CA SER A 28 -3.40 -1.04 -34.54
C SER A 28 -2.75 -0.62 -35.83
N ARG A 29 -2.37 0.66 -35.89
CA ARG A 29 -1.71 1.23 -37.03
C ARG A 29 -0.39 1.86 -36.64
N ASN A 30 0.58 1.66 -37.53
CA ASN A 30 1.89 2.22 -37.40
C ASN A 30 1.70 3.72 -37.60
N PRO A 31 2.01 4.52 -36.57
CA PRO A 31 1.76 5.96 -36.64
C PRO A 31 2.68 6.67 -37.63
N GLY A 32 3.78 6.01 -38.03
CA GLY A 32 4.66 6.59 -39.04
C GLY A 32 4.24 6.42 -40.49
N THR A 33 3.50 5.34 -40.80
CA THR A 33 3.08 5.02 -42.16
C THR A 33 1.56 4.85 -42.33
N ASN A 34 0.86 4.70 -41.22
CA ASN A 34 -0.56 4.37 -41.19
C ASN A 34 -0.85 2.96 -41.69
N GLU A 35 0.16 2.13 -41.91
CA GLU A 35 -0.07 0.72 -42.26
C GLU A 35 -0.61 -0.02 -41.04
N ARG A 36 -1.57 -0.91 -41.24
CA ARG A 36 -2.01 -1.79 -40.15
C ARG A 36 -0.85 -2.65 -39.68
N VAL A 37 -0.77 -2.84 -38.36
CA VAL A 37 0.24 -3.69 -37.75
C VAL A 37 -0.41 -4.95 -37.21
N TRP A 38 -1.43 -4.79 -36.39
CA TRP A 38 -2.16 -5.91 -35.80
C TRP A 38 -3.65 -5.67 -36.03
N GLU A 39 -4.38 -6.77 -36.21
CA GLU A 39 -5.83 -6.69 -36.33
C GLU A 39 -6.47 -8.00 -35.87
N GLY A 40 -7.48 -7.92 -35.01
CA GLY A 40 -8.08 -9.13 -34.48
C GLY A 40 -9.32 -8.88 -33.69
N ALA A 41 -10.01 -9.97 -33.37
CA ALA A 41 -11.18 -9.91 -32.51
C ALA A 41 -10.77 -9.69 -31.05
N SER A 42 -11.40 -8.70 -30.44
CA SER A 42 -11.30 -8.40 -29.03
C SER A 42 -11.99 -9.41 -28.14
N ALA A 43 -11.71 -9.30 -26.85
CA ALA A 43 -12.29 -10.15 -25.86
C ALA A 43 -13.58 -9.50 -25.39
N SER A 44 -14.68 -10.24 -25.58
CA SER A 44 -15.99 -9.87 -25.04
C SER A 44 -15.98 -10.09 -23.54
N ALA A 45 -17.07 -9.69 -22.87
CA ALA A 45 -17.21 -9.90 -21.44
C ALA A 45 -17.07 -11.36 -21.08
N ASP A 46 -17.66 -12.24 -21.89
CA ASP A 46 -17.56 -13.69 -21.61
CA ASP A 46 -17.57 -13.67 -21.61
C ASP A 46 -16.13 -14.20 -21.77
N ASP A 47 -15.41 -13.67 -22.76
CA ASP A 47 -14.02 -14.05 -22.97
C ASP A 47 -13.16 -13.64 -21.73
N VAL A 48 -13.48 -12.48 -21.18
CA VAL A 48 -12.81 -11.97 -20.01
C VAL A 48 -13.09 -12.86 -18.82
N GLU A 49 -14.36 -13.25 -18.67
CA GLU A 49 -14.75 -14.21 -17.66
C GLU A 49 -13.97 -15.50 -17.77
N ARG A 50 -13.81 -15.98 -18.99
CA ARG A 50 -13.04 -17.21 -19.22
C ARG A 50 -11.57 -16.98 -18.85
N ALA A 51 -11.04 -15.80 -19.16
CA ALA A 51 -9.65 -15.52 -18.87
C ALA A 51 -9.42 -15.48 -17.36
N VAL A 52 -10.33 -14.84 -16.64
CA VAL A 52 -10.18 -14.76 -15.20
C VAL A 52 -10.40 -16.13 -14.57
N ALA A 53 -11.41 -16.86 -15.06
CA ALA A 53 -11.68 -18.19 -14.51
C ALA A 53 -10.47 -19.09 -14.71
N SER A 54 -9.80 -18.94 -15.85
CA SER A 54 -8.58 -19.72 -16.15
C SER A 54 -7.44 -19.38 -15.16
N ALA A 55 -7.25 -18.09 -14.91
CA ALA A 55 -6.22 -17.65 -13.96
C ALA A 55 -6.52 -18.18 -12.56
N ARG A 56 -7.79 -18.14 -12.21
CA ARG A 56 -8.21 -18.62 -10.89
C ARG A 56 -7.91 -20.11 -10.71
N ARG A 57 -8.25 -20.94 -11.72
CA ARG A 57 -7.98 -22.37 -11.66
C ARG A 57 -6.49 -22.65 -11.53
N ALA A 58 -5.66 -21.89 -12.25
CA ALA A 58 -4.22 -22.17 -12.32
C ALA A 58 -3.47 -21.75 -11.06
N PHE A 59 -4.08 -20.89 -10.27
CA PHE A 59 -3.42 -20.26 -9.13
C PHE A 59 -2.94 -21.25 -8.08
N ALA A 60 -3.77 -22.24 -7.72
CA ALA A 60 -3.38 -23.19 -6.66
C ALA A 60 -2.05 -23.89 -7.03
N ALA A 61 -1.93 -24.40 -8.24
CA ALA A 61 -0.76 -25.18 -8.62
C ALA A 61 0.48 -24.30 -8.86
N TRP A 62 0.28 -23.09 -9.36
CA TRP A 62 1.39 -22.13 -9.60
C TRP A 62 1.99 -21.61 -8.27
N SER A 63 1.11 -21.18 -7.36
CA SER A 63 1.55 -20.73 -6.06
C SER A 63 2.11 -21.86 -5.23
N ALA A 64 1.69 -23.08 -5.48
CA ALA A 64 2.20 -24.21 -4.73
C ALA A 64 3.60 -24.61 -5.17
N LEU A 65 4.05 -24.24 -6.36
CA LEU A 65 5.40 -24.54 -6.77
C LEU A 65 6.42 -23.88 -5.86
N ASP A 66 7.59 -24.52 -5.77
CA ASP A 66 8.79 -23.97 -5.13
C ASP A 66 9.09 -22.62 -5.78
N LEU A 67 9.58 -21.64 -5.00
CA LEU A 67 10.01 -20.37 -5.57
C LEU A 67 11.02 -20.53 -6.72
N ASP A 68 11.98 -21.43 -6.56
CA ASP A 68 12.99 -21.58 -7.60
C ASP A 68 12.41 -22.12 -8.92
N ALA A 69 11.32 -22.86 -8.85
CA ALA A 69 10.70 -23.38 -10.07
C ALA A 69 10.05 -22.21 -10.86
N ARG A 70 9.41 -21.28 -10.16
CA ARG A 70 8.89 -20.06 -10.80
C ARG A 70 10.03 -19.19 -11.33
N CYS A 71 11.11 -19.06 -10.55
CA CYS A 71 12.27 -18.26 -10.97
C CYS A 71 12.95 -18.83 -12.21
N THR A 72 13.03 -20.16 -12.30
CA THR A 72 13.64 -20.79 -13.48
C THR A 72 12.88 -20.38 -14.75
N ILE A 73 11.56 -20.40 -14.67
CA ILE A 73 10.72 -19.92 -15.78
C ILE A 73 10.89 -18.43 -16.12
N VAL A 74 10.92 -17.52 -15.15
CA VAL A 74 11.02 -16.11 -15.51
C VAL A 74 12.40 -15.81 -16.07
N LYS A 75 13.41 -16.54 -15.61
CA LYS A 75 14.77 -16.39 -16.12
C LYS A 75 14.87 -16.90 -17.54
N ARG A 76 14.20 -18.02 -17.83
CA ARG A 76 14.12 -18.50 -19.19
C ARG A 76 13.48 -17.44 -20.09
N PHE A 77 12.41 -16.79 -19.65
CA PHE A 77 11.77 -15.70 -20.37
C PHE A 77 12.76 -14.59 -20.69
N ALA A 78 13.55 -14.17 -19.69
CA ALA A 78 14.57 -13.14 -19.91
C ALA A 78 15.57 -13.58 -20.97
N ALA A 79 16.01 -14.83 -20.91
CA ALA A 79 16.99 -15.30 -21.90
C ALA A 79 16.38 -15.29 -23.31
N LEU A 80 15.11 -15.69 -23.44
CA LEU A 80 14.44 -15.63 -24.75
C LEU A 80 14.22 -14.22 -25.27
N LEU A 81 13.93 -13.25 -24.38
CA LEU A 81 13.81 -11.85 -24.78
C LEU A 81 15.10 -11.37 -25.43
N VAL A 82 16.23 -11.72 -24.80
CA VAL A 82 17.54 -11.33 -25.35
C VAL A 82 17.74 -11.99 -26.73
N GLU A 83 17.53 -13.31 -26.83
CA GLU A 83 17.57 -14.01 -28.13
C GLU A 83 16.68 -13.41 -29.23
N ARG A 84 15.49 -12.93 -28.86
CA ARG A 84 14.51 -12.47 -29.83
C ARG A 84 14.37 -10.95 -29.83
N LYS A 85 15.42 -10.29 -29.37
CA LYS A 85 15.39 -8.88 -29.12
C LYS A 85 15.04 -8.04 -30.33
N GLU A 86 15.66 -8.33 -31.46
CA GLU A 86 15.53 -7.45 -32.60
C GLU A 86 14.08 -7.51 -33.14
N ALA A 87 13.54 -8.72 -33.19
CA ALA A 87 12.18 -8.93 -33.61
C ALA A 87 11.19 -8.23 -32.67
N LEU A 88 11.35 -8.41 -31.36
CA LEU A 88 10.44 -7.74 -30.45
C LEU A 88 10.61 -6.22 -30.51
N ALA A 89 11.86 -5.75 -30.54
CA ALA A 89 12.12 -4.30 -30.75
C ALA A 89 11.43 -3.77 -32.02
N THR A 90 11.48 -4.56 -33.09
CA THR A 90 10.87 -4.17 -34.34
C THR A 90 9.39 -4.05 -34.19
N MET A 91 8.74 -4.96 -33.44
CA MET A 91 7.30 -4.86 -33.25
C MET A 91 6.92 -3.60 -32.47
N ILE A 92 7.70 -3.30 -31.44
CA ILE A 92 7.49 -2.08 -30.64
C ILE A 92 7.64 -0.83 -31.51
N GLY A 93 8.70 -0.80 -32.30
CA GLY A 93 8.88 0.27 -33.28
C GLY A 93 7.75 0.45 -34.28
N ARG A 94 7.38 -0.65 -34.94
CA ARG A 94 6.37 -0.60 -35.99
C ARG A 94 5.04 -0.11 -35.44
N GLU A 95 4.68 -0.65 -34.29
CA GLU A 95 3.32 -0.49 -33.80
C GLU A 95 3.09 0.87 -33.14
N THR A 96 4.13 1.39 -32.46
CA THR A 96 4.02 2.62 -31.64
C THR A 96 4.83 3.83 -32.10
N GLY A 97 5.71 3.63 -33.09
CA GLY A 97 6.53 4.73 -33.61
C GLY A 97 7.90 4.88 -32.98
N LYS A 98 8.09 4.27 -31.81
CA LYS A 98 9.35 4.37 -31.09
C LYS A 98 10.52 3.97 -31.97
N PRO A 99 11.56 4.81 -32.02
CA PRO A 99 12.73 4.48 -32.86
C PRO A 99 13.34 3.17 -32.47
N LEU A 100 13.79 2.45 -33.48
CA LEU A 100 14.37 1.13 -33.32
C LEU A 100 15.47 1.17 -32.28
N TRP A 101 16.30 2.20 -32.29
CA TRP A 101 17.43 2.25 -31.32
C TRP A 101 16.92 2.26 -29.87
N GLU A 102 15.83 2.98 -29.64
CA GLU A 102 15.23 3.09 -28.30
C GLU A 102 14.46 1.81 -27.95
N ALA A 103 13.75 1.26 -28.94
CA ALA A 103 12.95 0.03 -28.78
C ALA A 103 13.85 -1.11 -28.28
N ARG A 104 15.05 -1.19 -28.83
CA ARG A 104 16.01 -2.19 -28.34
C ARG A 104 16.30 -2.02 -26.86
N THR A 105 16.48 -0.76 -26.41
CA THR A 105 16.77 -0.55 -25.00
C THR A 105 15.59 -0.98 -24.12
N GLU A 106 14.35 -0.77 -24.58
CA GLU A 106 13.17 -1.24 -23.84
C GLU A 106 13.21 -2.75 -23.64
N VAL A 107 13.55 -3.50 -24.70
CA VAL A 107 13.65 -4.96 -24.59
C VAL A 107 14.73 -5.34 -23.61
N ALA A 108 15.84 -4.61 -23.63
CA ALA A 108 16.92 -4.90 -22.70
C ALA A 108 16.47 -4.67 -21.25
N SER A 109 15.64 -3.66 -21.02
CA SER A 109 15.07 -3.36 -19.71
C SER A 109 14.10 -4.45 -19.24
N MET A 110 13.34 -5.01 -20.17
CA MET A 110 12.46 -6.17 -19.91
C MET A 110 13.23 -7.38 -19.39
N ALA A 111 14.35 -7.70 -20.03
CA ALA A 111 15.18 -8.85 -19.62
C ALA A 111 15.85 -8.60 -18.28
N ALA A 112 16.37 -7.38 -18.11
CA ALA A 112 17.10 -7.04 -16.88
C ALA A 112 16.18 -7.00 -15.69
N LYS A 113 14.90 -6.76 -15.92
CA LYS A 113 13.89 -6.73 -14.85
C LYS A 113 13.84 -8.00 -14.01
N VAL A 114 14.18 -9.13 -14.63
CA VAL A 114 13.97 -10.41 -14.00
C VAL A 114 14.90 -10.57 -12.82
N ASP A 115 16.21 -10.49 -13.04
CA ASP A 115 17.14 -10.75 -11.94
C ASP A 115 17.00 -9.72 -10.83
N ILE A 116 16.70 -8.49 -11.19
CA ILE A 116 16.45 -7.41 -10.22
C ILE A 116 15.21 -7.74 -9.37
N SER A 117 14.17 -8.28 -10.01
CA SER A 117 12.94 -8.59 -9.31
C SER A 117 13.15 -9.77 -8.35
N ILE A 118 14.00 -10.72 -8.71
CA ILE A 118 14.30 -11.82 -7.83
C ILE A 118 15.01 -11.26 -6.59
N THR A 119 15.99 -10.39 -6.82
CA THR A 119 16.68 -9.77 -5.70
C THR A 119 15.69 -8.98 -4.81
N ALA A 120 14.76 -8.23 -5.41
CA ALA A 120 13.79 -7.45 -4.64
C ALA A 120 12.87 -8.37 -3.86
N TYR A 121 12.48 -9.50 -4.47
CA TYR A 121 11.60 -10.46 -3.76
C TYR A 121 12.29 -10.92 -2.48
N HIS A 122 13.56 -11.29 -2.58
CA HIS A 122 14.31 -11.73 -1.40
C HIS A 122 14.53 -10.64 -0.37
N GLU A 123 14.71 -9.41 -0.84
CA GLU A 123 14.89 -8.29 0.08
C GLU A 123 13.60 -7.85 0.77
N ARG A 124 12.52 -7.69 0.01
CA ARG A 124 11.28 -7.07 0.48
C ARG A 124 10.18 -8.03 0.88
N THR A 125 10.11 -9.18 0.26
CA THR A 125 9.04 -10.16 0.53
C THR A 125 9.64 -11.58 0.65
N GLY A 126 10.69 -11.71 1.43
CA GLY A 126 11.38 -12.99 1.54
C GLY A 126 10.87 -13.85 2.67
N GLU A 127 11.77 -14.67 3.21
CA GLU A 127 11.41 -15.60 4.27
C GLU A 127 12.51 -15.56 5.31
N LYS A 128 12.13 -15.46 6.59
CA LYS A 128 13.03 -15.26 7.71
C LYS A 128 12.56 -16.05 8.92
N ARG A 129 13.52 -16.48 9.73
CA ARG A 129 13.25 -17.25 10.96
C ARG A 129 14.09 -16.71 12.09
N ALA A 130 13.50 -16.60 13.28
CA ALA A 130 14.24 -16.12 14.43
C ALA A 130 13.66 -16.80 15.66
N PRO A 131 14.54 -17.28 16.57
CA PRO A 131 14.14 -17.80 17.85
C PRO A 131 13.34 -16.80 18.67
N MET A 132 12.34 -17.27 19.41
CA MET A 132 11.68 -16.43 20.39
C MET A 132 11.27 -17.35 21.54
N ALA A 133 10.73 -16.76 22.60
CA ALA A 133 10.61 -17.48 23.89
C ALA A 133 9.76 -18.74 23.77
N ASP A 134 8.70 -18.67 22.96
CA ASP A 134 7.77 -19.79 22.90
C ASP A 134 7.81 -20.53 21.57
N GLY A 135 8.81 -20.26 20.77
CA GLY A 135 8.88 -20.89 19.47
C GLY A 135 9.84 -20.22 18.53
N VAL A 136 9.51 -20.32 17.25
CA VAL A 136 10.26 -19.71 16.18
C VAL A 136 9.31 -18.75 15.46
N ALA A 137 9.77 -17.52 15.32
CA ALA A 137 9.10 -16.53 14.55
C ALA A 137 9.50 -16.77 13.09
N VAL A 138 8.51 -17.03 12.26
CA VAL A 138 8.72 -17.24 10.85
C VAL A 138 7.91 -16.19 10.07
N LEU A 139 8.59 -15.55 9.13
CA LEU A 139 7.95 -14.62 8.21
C LEU A 139 8.00 -15.22 6.83
N ARG A 140 6.83 -15.28 6.19
CA ARG A 140 6.67 -15.72 4.80
C ARG A 140 5.90 -14.66 4.08
N HIS A 141 5.96 -14.65 2.76
CA HIS A 141 5.09 -13.77 2.02
C HIS A 141 4.29 -14.61 1.01
N ARG A 142 3.02 -14.29 0.85
CA ARG A 142 2.12 -15.08 0.06
C ARG A 142 1.52 -14.23 -1.10
N PRO A 143 1.27 -14.86 -2.26
CA PRO A 143 0.65 -14.12 -3.37
C PRO A 143 -0.82 -13.81 -3.11
N HIS A 144 -1.38 -12.80 -3.74
CA HIS A 144 -2.78 -12.45 -3.53
C HIS A 144 -3.71 -13.40 -4.28
N GLY A 145 -3.34 -13.81 -5.50
CA GLY A 145 -4.23 -14.66 -6.31
C GLY A 145 -4.18 -14.27 -7.77
N VAL A 146 -5.33 -13.84 -8.29
CA VAL A 146 -5.42 -13.38 -9.68
C VAL A 146 -5.29 -11.89 -9.74
N VAL A 147 -4.35 -11.41 -10.56
CA VAL A 147 -4.13 -9.99 -10.70
C VAL A 147 -4.34 -9.59 -12.14
N ALA A 148 -5.07 -8.48 -12.31
CA ALA A 148 -5.28 -7.90 -13.60
C ALA A 148 -4.15 -6.91 -13.82
N VAL A 149 -3.52 -6.94 -14.99
CA VAL A 149 -2.50 -5.96 -15.33
C VAL A 149 -2.98 -5.18 -16.54
N PHE A 150 -3.08 -3.84 -16.40
CA PHE A 150 -3.40 -2.95 -17.49
C PHE A 150 -2.16 -2.24 -17.99
N GLY A 151 -1.82 -2.49 -19.25
CA GLY A 151 -0.62 -1.96 -19.87
C GLY A 151 -0.84 -0.62 -20.58
N PRO A 152 0.23 0.19 -20.71
CA PRO A 152 0.19 1.42 -21.46
C PRO A 152 0.78 1.29 -22.86
N TYR A 153 0.76 2.36 -23.62
CA TYR A 153 1.32 2.37 -24.98
C TYR A 153 2.75 2.90 -25.03
N ASN A 154 3.19 3.71 -24.04
CA ASN A 154 4.52 4.32 -24.12
C ASN A 154 5.70 3.34 -23.92
N PHE A 155 5.56 2.42 -22.94
CA PHE A 155 6.48 1.29 -22.76
C PHE A 155 5.60 0.03 -22.79
N PRO A 156 5.21 -0.40 -24.00
CA PRO A 156 4.27 -1.49 -24.10
C PRO A 156 4.84 -2.88 -23.76
N GLY A 157 6.16 -2.99 -23.68
CA GLY A 157 6.83 -4.17 -23.19
C GLY A 157 7.23 -4.00 -21.73
N HIS A 158 7.95 -2.90 -21.44
CA HIS A 158 8.66 -2.74 -20.15
C HIS A 158 7.74 -2.49 -18.98
N LEU A 159 6.77 -1.60 -19.14
CA LEU A 159 5.93 -1.28 -18.00
C LEU A 159 4.96 -2.41 -17.54
N PRO A 160 4.32 -3.11 -18.49
CA PRO A 160 3.53 -4.27 -18.02
C PRO A 160 4.43 -5.39 -17.43
N ASN A 161 5.59 -5.60 -18.03
CA ASN A 161 6.57 -6.52 -17.51
C ASN A 161 6.99 -6.18 -16.05
N GLY A 162 7.01 -4.87 -15.70
CA GLY A 162 7.34 -4.40 -14.36
C GLY A 162 6.28 -4.79 -13.32
N HIS A 163 5.08 -5.14 -13.80
CA HIS A 163 4.03 -5.71 -12.93
C HIS A 163 4.04 -7.24 -12.99
N ILE A 164 4.13 -7.77 -14.20
CA ILE A 164 3.99 -9.20 -14.49
C ILE A 164 5.11 -10.05 -13.87
N VAL A 165 6.34 -9.60 -14.01
CA VAL A 165 7.48 -10.40 -13.51
C VAL A 165 7.44 -10.51 -11.99
N PRO A 166 7.29 -9.41 -11.26
CA PRO A 166 7.22 -9.59 -9.80
C PRO A 166 5.95 -10.34 -9.34
N ALA A 167 4.85 -10.14 -10.05
CA ALA A 167 3.60 -10.82 -9.72
C ALA A 167 3.80 -12.33 -9.87
N LEU A 168 4.45 -12.75 -10.95
CA LEU A 168 4.64 -14.17 -11.22
C LEU A 168 5.64 -14.82 -10.27
N ILE A 169 6.75 -14.12 -10.01
CA ILE A 169 7.71 -14.59 -9.04
C ILE A 169 7.05 -14.92 -7.70
N ALA A 170 6.15 -14.04 -7.24
CA ALA A 170 5.50 -14.18 -5.93
C ALA A 170 4.49 -15.32 -5.92
N GLY A 171 4.03 -15.70 -7.11
CA GLY A 171 3.07 -16.80 -7.23
C GLY A 171 1.65 -16.41 -7.62
N ASN A 172 1.44 -15.20 -8.10
CA ASN A 172 0.13 -14.78 -8.57
C ASN A 172 -0.03 -15.30 -9.99
N THR A 173 -1.29 -15.45 -10.41
CA THR A 173 -1.59 -15.59 -11.82
C THR A 173 -2.11 -14.25 -12.34
N VAL A 174 -2.08 -14.10 -13.66
CA VAL A 174 -2.25 -12.83 -14.32
C VAL A 174 -3.24 -12.83 -15.48
N VAL A 175 -4.06 -11.77 -15.50
CA VAL A 175 -4.86 -11.43 -16.68
C VAL A 175 -4.35 -10.08 -17.20
N PHE A 176 -3.73 -10.11 -18.38
CA PHE A 176 -3.08 -8.98 -19.02
C PHE A 176 -3.95 -8.33 -20.07
N LYS A 177 -4.35 -7.07 -19.85
CA LYS A 177 -5.14 -6.27 -20.80
C LYS A 177 -4.22 -5.16 -21.31
N PRO A 178 -3.66 -5.37 -22.50
CA PRO A 178 -2.76 -4.38 -23.06
C PRO A 178 -3.51 -3.18 -23.60
N SER A 179 -2.83 -2.05 -23.71
CA SER A 179 -3.37 -0.86 -24.40
C SER A 179 -3.84 -1.26 -25.80
N GLU A 180 -5.01 -0.78 -26.20
CA GLU A 180 -5.50 -0.97 -27.58
C GLU A 180 -4.51 -0.44 -28.64
N LEU A 181 -3.55 0.37 -28.22
CA LEU A 181 -2.56 0.91 -29.13
C LEU A 181 -1.27 0.11 -29.17
N ALA A 182 -1.17 -0.97 -28.40
CA ALA A 182 -0.01 -1.87 -28.53
C ALA A 182 -0.31 -3.36 -28.33
N PRO A 183 -1.39 -3.85 -28.98
CA PRO A 183 -1.75 -5.28 -28.91
C PRO A 183 -0.69 -6.22 -29.56
N GLY A 184 -0.06 -5.80 -30.67
CA GLY A 184 0.93 -6.61 -31.34
C GLY A 184 2.15 -6.90 -30.47
N VAL A 185 2.61 -5.87 -29.77
CA VAL A 185 3.70 -6.03 -28.80
C VAL A 185 3.33 -7.01 -27.70
N ALA A 186 2.11 -6.88 -27.18
CA ALA A 186 1.68 -7.76 -26.11
C ALA A 186 1.62 -9.22 -26.61
N ARG A 187 1.09 -9.42 -27.81
CA ARG A 187 1.05 -10.77 -28.40
C ARG A 187 2.46 -11.35 -28.48
N ALA A 188 3.41 -10.55 -28.97
CA ALA A 188 4.78 -11.04 -29.17
C ALA A 188 5.41 -11.39 -27.82
N THR A 189 5.06 -10.65 -26.79
CA THR A 189 5.58 -10.84 -25.43
C THR A 189 5.00 -12.16 -24.84
N VAL A 190 3.70 -12.35 -25.01
CA VAL A 190 3.04 -13.55 -24.51
C VAL A 190 3.53 -14.81 -25.18
N GLU A 191 3.82 -14.73 -26.47
CA GLU A 191 4.48 -15.84 -27.17
C GLU A 191 5.76 -16.28 -26.51
N ILE A 192 6.56 -15.33 -26.03
CA ILE A 192 7.85 -15.64 -25.42
C ILE A 192 7.65 -16.24 -24.03
N TRP A 193 6.70 -15.71 -23.27
CA TRP A 193 6.32 -16.36 -22.02
C TRP A 193 5.91 -17.81 -22.25
N ARG A 194 5.14 -18.04 -23.30
CA ARG A 194 4.70 -19.42 -23.53
C ARG A 194 5.90 -20.37 -23.82
N ASP A 195 6.83 -19.94 -24.65
CA ASP A 195 8.04 -20.71 -24.94
C ASP A 195 8.96 -20.84 -23.77
N ALA A 196 8.86 -19.92 -22.81
CA ALA A 196 9.64 -20.05 -21.61
C ALA A 196 9.11 -21.10 -20.66
N GLY A 197 7.96 -21.71 -20.97
CA GLY A 197 7.46 -22.81 -20.15
C GLY A 197 6.44 -22.41 -19.09
N LEU A 198 5.79 -21.28 -19.26
CA LEU A 198 4.82 -20.84 -18.27
C LEU A 198 3.61 -21.78 -18.34
N PRO A 199 3.14 -22.34 -17.21
CA PRO A 199 2.02 -23.27 -17.34
C PRO A 199 0.73 -22.61 -17.80
N ALA A 200 -0.13 -23.45 -18.41
CA ALA A 200 -1.47 -23.07 -18.83
C ALA A 200 -2.25 -22.35 -17.74
N GLY A 201 -2.83 -21.21 -18.09
CA GLY A 201 -3.66 -20.40 -17.16
C GLY A 201 -2.96 -19.36 -16.30
N VAL A 202 -1.63 -19.42 -16.26
CA VAL A 202 -0.84 -18.57 -15.36
C VAL A 202 -0.76 -17.14 -15.89
N LEU A 203 -0.71 -17.00 -17.21
CA LEU A 203 -0.79 -15.69 -17.86
C LEU A 203 -1.79 -15.81 -18.99
N ASN A 204 -2.77 -14.92 -18.95
CA ASN A 204 -3.86 -14.87 -19.91
C ASN A 204 -3.91 -13.48 -20.53
N LEU A 205 -4.16 -13.44 -21.84
CA LEU A 205 -4.10 -12.22 -22.64
C LEU A 205 -5.48 -11.91 -23.19
N VAL A 206 -6.04 -10.79 -22.78
CA VAL A 206 -7.28 -10.27 -23.30
C VAL A 206 -7.07 -8.95 -24.04
N GLN A 207 -7.01 -9.07 -25.35
CA GLN A 207 -6.85 -7.92 -26.25
C GLN A 207 -8.18 -7.21 -26.36
N GLY A 208 -8.13 -5.89 -26.42
CA GLY A 208 -9.34 -5.10 -26.58
C GLY A 208 -9.28 -3.61 -26.36
N GLU A 209 -10.46 -2.99 -26.49
CA GLU A 209 -10.64 -1.54 -26.36
C GLU A 209 -11.32 -1.31 -25.01
N LYS A 210 -12.12 -0.24 -24.87
CA LYS A 210 -12.61 0.17 -23.55
C LYS A 210 -13.56 -0.83 -22.92
N ASP A 211 -14.40 -1.49 -23.72
CA ASP A 211 -15.31 -2.47 -23.16
C ASP A 211 -14.59 -3.67 -22.53
N THR A 212 -13.50 -4.12 -23.15
CA THR A 212 -12.74 -5.24 -22.59
C THR A 212 -12.11 -4.85 -21.25
N GLY A 213 -11.55 -3.66 -21.24
CA GLY A 213 -10.97 -3.07 -20.03
C GLY A 213 -11.97 -2.96 -18.91
N VAL A 214 -13.17 -2.46 -19.24
CA VAL A 214 -14.21 -2.26 -18.23
C VAL A 214 -14.65 -3.59 -17.68
N ALA A 215 -14.84 -4.60 -18.54
CA ALA A 215 -15.21 -5.94 -18.06
C ALA A 215 -14.17 -6.55 -17.09
N LEU A 216 -12.90 -6.43 -17.43
CA LEU A 216 -11.86 -6.90 -16.49
C LEU A 216 -11.87 -6.13 -15.17
N ALA A 217 -11.89 -4.81 -15.24
CA ALA A 217 -11.84 -3.98 -14.03
C ALA A 217 -13.03 -4.23 -13.11
N ASN A 218 -14.19 -4.53 -13.69
CA ASN A 218 -15.41 -4.84 -12.90
C ASN A 218 -15.52 -6.29 -12.44
N HIS A 219 -14.58 -7.15 -12.82
CA HIS A 219 -14.70 -8.56 -12.44
C HIS A 219 -14.55 -8.72 -10.92
N ARG A 220 -15.45 -9.48 -10.32
CA ARG A 220 -15.46 -9.66 -8.85
C ARG A 220 -14.53 -10.75 -8.32
N GLN A 221 -13.82 -11.42 -9.19
CA GLN A 221 -12.93 -12.52 -8.81
C GLN A 221 -11.47 -12.18 -9.03
N ILE A 222 -11.12 -10.92 -9.20
CA ILE A 222 -9.72 -10.54 -9.28
C ILE A 222 -9.32 -10.07 -7.89
N ASP A 223 -8.07 -10.28 -7.52
CA ASP A 223 -7.59 -9.94 -6.18
C ASP A 223 -6.76 -8.67 -6.18
N GLY A 224 -6.27 -8.30 -7.36
CA GLY A 224 -5.52 -7.08 -7.49
C GLY A 224 -5.69 -6.49 -8.88
N LEU A 225 -5.38 -5.23 -8.99
CA LEU A 225 -5.41 -4.55 -10.28
C LEU A 225 -4.20 -3.64 -10.31
N PHE A 226 -3.27 -3.93 -11.22
CA PHE A 226 -2.02 -3.22 -11.35
C PHE A 226 -2.12 -2.47 -12.67
N PHE A 227 -2.05 -1.14 -12.57
CA PHE A 227 -2.39 -0.24 -13.64
C PHE A 227 -1.25 0.71 -13.93
N THR A 228 -0.92 0.88 -15.20
CA THR A 228 -0.05 1.96 -15.64
C THR A 228 -0.84 2.73 -16.70
N GLY A 229 -1.05 4.02 -16.51
CA GLY A 229 -1.86 4.83 -17.42
C GLY A 229 -2.04 6.23 -16.88
N SER A 230 -3.05 6.93 -17.38
CA SER A 230 -3.27 8.32 -17.06
C SER A 230 -3.88 8.44 -15.67
N SER A 231 -3.70 9.62 -15.07
CA SER A 231 -4.29 9.87 -13.75
C SER A 231 -5.78 9.93 -13.82
N ASP A 232 -6.32 10.45 -14.92
CA ASP A 232 -7.75 10.48 -15.06
C ASP A 232 -8.32 9.05 -15.02
N THR A 233 -7.76 8.12 -15.77
CA THR A 233 -8.29 6.74 -15.76
C THR A 233 -8.00 6.08 -14.41
N GLY A 234 -6.80 6.30 -13.89
CA GLY A 234 -6.38 5.70 -12.62
C GLY A 234 -7.27 6.13 -11.47
N THR A 235 -7.64 7.41 -11.49
CA THR A 235 -8.50 7.97 -10.43
C THR A 235 -9.92 7.40 -10.48
N LEU A 236 -10.44 7.21 -11.68
CA LEU A 236 -11.77 6.62 -11.84
C LEU A 236 -11.75 5.20 -11.33
N LEU A 237 -10.71 4.48 -11.69
CA LEU A 237 -10.50 3.11 -11.15
C LEU A 237 -10.49 3.13 -9.62
N HIS A 238 -9.73 4.09 -9.04
CA HIS A 238 -9.66 4.20 -7.59
C HIS A 238 -11.07 4.43 -7.00
N LYS A 239 -11.82 5.36 -7.60
CA LYS A 239 -13.21 5.56 -7.16
C LYS A 239 -14.03 4.30 -7.26
N GLN A 240 -13.90 3.59 -8.36
CA GLN A 240 -14.67 2.37 -8.57
C GLN A 240 -14.45 1.29 -7.47
N PHE A 241 -13.25 1.27 -6.87
CA PHE A 241 -12.91 0.33 -5.79
C PHE A 241 -13.14 0.85 -4.35
N GLY A 242 -13.70 2.03 -4.21
CA GLY A 242 -13.98 2.55 -2.90
C GLY A 242 -14.97 1.64 -2.17
N GLY A 243 -14.68 1.36 -0.92
CA GLY A 243 -15.43 0.36 -0.18
C GLY A 243 -15.06 -1.08 -0.42
N ARG A 244 -14.05 -1.33 -1.23
CA ARG A 244 -13.49 -2.68 -1.40
C ARG A 244 -12.00 -2.69 -1.08
N PRO A 245 -11.65 -2.41 0.18
CA PRO A 245 -10.24 -2.42 0.60
C PRO A 245 -9.55 -3.76 0.39
N GLU A 246 -10.30 -4.86 0.29
CA GLU A 246 -9.76 -6.20 0.02
C GLU A 246 -9.08 -6.40 -1.36
N ILE A 247 -9.26 -5.48 -2.31
CA ILE A 247 -8.57 -5.59 -3.58
C ILE A 247 -7.36 -4.68 -3.59
N VAL A 248 -6.21 -5.22 -3.94
CA VAL A 248 -5.03 -4.39 -4.00
C VAL A 248 -4.92 -3.68 -5.35
N LEU A 249 -4.90 -2.37 -5.31
CA LEU A 249 -4.73 -1.54 -6.48
C LEU A 249 -3.32 -0.97 -6.46
N ALA A 250 -2.60 -1.07 -7.57
CA ALA A 250 -1.36 -0.32 -7.72
C ALA A 250 -1.56 0.57 -8.93
N LEU A 251 -1.56 1.86 -8.73
CA LEU A 251 -1.88 2.80 -9.78
C LEU A 251 -0.67 3.65 -10.08
N GLU A 252 0.00 3.40 -11.20
CA GLU A 252 1.16 4.16 -11.58
C GLU A 252 0.71 5.10 -12.74
N MET A 253 0.61 6.39 -12.41
CA MET A 253 -0.10 7.33 -13.25
C MET A 253 0.90 8.34 -13.83
N GLY A 254 0.41 9.44 -14.42
CA GLY A 254 1.31 10.33 -15.12
C GLY A 254 1.76 11.46 -14.21
N GLY A 255 2.23 12.54 -14.83
CA GLY A 255 2.73 13.69 -14.08
C GLY A 255 2.74 15.00 -14.86
N ASN A 256 3.17 16.03 -14.14
CA ASN A 256 3.40 17.38 -14.65
C ASN A 256 4.77 17.74 -14.08
N ASN A 257 5.79 17.14 -14.68
CA ASN A 257 7.11 17.09 -14.08
C ASN A 257 7.91 18.33 -14.43
N PRO A 258 8.53 18.95 -13.42
CA PRO A 258 9.36 20.12 -13.62
C PRO A 258 10.85 19.82 -13.68
N LEU A 259 11.52 20.53 -14.55
CA LEU A 259 12.93 20.56 -14.63
C LEU A 259 13.36 22.01 -14.40
N VAL A 260 14.02 22.24 -13.26
CA VAL A 260 14.56 23.54 -12.92
C VAL A 260 16.02 23.68 -13.41
N VAL A 261 16.30 24.77 -14.12
CA VAL A 261 17.65 25.07 -14.59
C VAL A 261 18.16 26.28 -13.81
N ALA A 262 19.38 26.15 -13.29
CA ALA A 262 20.10 27.25 -12.64
C ALA A 262 21.49 27.29 -13.23
N GLU A 263 22.28 28.26 -12.77
CA GLU A 263 23.64 28.52 -13.25
C GLU A 263 24.45 27.24 -13.40
N VAL A 264 25.00 27.01 -14.60
CA VAL A 264 25.95 25.93 -14.88
C VAL A 264 27.02 26.43 -15.84
N GLU A 265 28.23 25.88 -15.74
CA GLU A 265 29.30 26.23 -16.65
C GLU A 265 29.06 25.62 -18.01
N ASP A 266 28.70 24.34 -18.01
CA ASP A 266 28.52 23.57 -19.24
C ASP A 266 27.06 23.69 -19.67
N ILE A 267 26.77 24.77 -20.38
CA ILE A 267 25.40 25.08 -20.77
C ILE A 267 24.90 24.03 -21.76
N ASP A 268 25.80 23.53 -22.62
CA ASP A 268 25.40 22.47 -23.57
C ASP A 268 24.98 21.18 -22.87
N ALA A 269 25.65 20.82 -21.78
CA ALA A 269 25.25 19.62 -21.02
C ALA A 269 23.84 19.79 -20.41
N ALA A 270 23.58 20.97 -19.89
CA ALA A 270 22.25 21.27 -19.39
C ALA A 270 21.21 21.16 -20.52
N VAL A 271 21.51 21.75 -21.68
CA VAL A 271 20.62 21.66 -22.84
C VAL A 271 20.38 20.20 -23.22
N HIS A 272 21.44 19.41 -23.26
CA HIS A 272 21.31 18.03 -23.56
C HIS A 272 20.35 17.31 -22.61
N HIS A 273 20.50 17.58 -21.31
CA HIS A 273 19.68 16.86 -20.34
C HIS A 273 18.24 17.30 -20.42
N ALA A 274 18.05 18.58 -20.74
CA ALA A 274 16.71 19.13 -20.91
C ALA A 274 16.05 18.53 -22.15
N ILE A 275 16.83 18.31 -23.21
CA ILE A 275 16.32 17.73 -24.46
C ILE A 275 15.93 16.30 -24.21
N GLN A 276 16.80 15.52 -23.58
CA GLN A 276 16.41 14.17 -23.16
C GLN A 276 15.10 14.20 -22.34
N SER A 277 15.08 15.06 -21.35
CA SER A 277 13.94 15.11 -20.42
C SER A 277 12.62 15.41 -21.16
N ALA A 278 12.62 16.36 -22.11
CA ALA A 278 11.41 16.86 -22.76
C ALA A 278 10.96 16.01 -23.94
N PHE A 279 11.91 15.41 -24.67
CA PHE A 279 11.66 14.90 -26.02
C PHE A 279 12.05 13.43 -26.31
N LEU A 280 12.80 12.78 -25.41
CA LEU A 280 13.02 11.33 -25.50
C LEU A 280 11.68 10.63 -25.55
N SER A 281 11.55 9.58 -26.38
CA SER A 281 10.25 8.90 -26.61
C SER A 281 9.19 9.92 -27.03
N ALA A 282 9.62 11.00 -27.71
CA ALA A 282 8.71 12.08 -28.12
C ALA A 282 7.89 12.60 -26.98
N GLY A 283 8.51 12.72 -25.82
CA GLY A 283 7.86 13.31 -24.66
C GLY A 283 6.81 12.42 -24.03
N GLN A 284 6.80 11.14 -24.39
CA GLN A 284 5.74 10.23 -23.97
C GLN A 284 6.07 9.38 -22.74
N ARG A 285 7.29 9.48 -22.22
CA ARG A 285 7.61 8.81 -20.94
C ARG A 285 6.91 9.52 -19.79
N CYS A 286 6.49 8.75 -18.79
CA CYS A 286 5.77 9.26 -17.63
C CYS A 286 6.61 10.36 -16.93
N THR A 287 7.92 10.18 -16.99
CA THR A 287 8.89 11.03 -16.28
C THR A 287 9.41 12.19 -17.14
N CYS A 288 8.91 12.33 -18.36
CA CYS A 288 9.35 13.45 -19.19
C CYS A 288 8.97 14.78 -18.58
N ALA A 289 9.85 15.74 -18.73
CA ALA A 289 9.66 17.11 -18.26
C ALA A 289 8.55 17.82 -19.07
N ARG A 290 7.47 18.21 -18.39
CA ARG A 290 6.45 19.04 -19.03
C ARG A 290 6.75 20.54 -18.89
N ARG A 291 7.31 20.92 -17.75
CA ARG A 291 7.67 22.31 -17.45
C ARG A 291 9.17 22.47 -17.25
N ILE A 292 9.78 23.39 -18.02
CA ILE A 292 11.19 23.68 -17.86
C ILE A 292 11.34 25.11 -17.33
N LEU A 293 11.78 25.22 -16.08
CA LEU A 293 11.87 26.47 -15.36
C LEU A 293 13.26 27.04 -15.50
N VAL A 294 13.31 28.26 -16.03
CA VAL A 294 14.56 28.88 -16.43
C VAL A 294 14.62 30.31 -15.88
N PRO A 295 15.76 30.68 -15.29
CA PRO A 295 15.79 32.00 -14.64
C PRO A 295 15.73 33.16 -15.64
N ARG A 296 15.02 34.23 -15.28
CA ARG A 296 15.14 35.50 -16.05
C ARG A 296 16.59 35.94 -16.02
N GLY A 297 17.02 36.67 -17.03
CA GLY A 297 18.37 37.18 -17.06
C GLY A 297 19.20 36.55 -18.16
N ALA A 298 20.47 36.93 -18.19
CA ALA A 298 21.32 36.67 -19.32
C ALA A 298 21.60 35.18 -19.48
N PHE A 299 21.95 34.49 -18.40
CA PHE A 299 22.18 33.04 -18.46
C PHE A 299 20.96 32.26 -18.96
N GLY A 300 19.79 32.57 -18.37
CA GLY A 300 18.51 31.96 -18.75
C GLY A 300 18.23 32.15 -20.23
N ASP A 301 18.41 33.37 -20.71
CA ASP A 301 18.26 33.65 -22.14
C ASP A 301 19.23 32.84 -23.01
N ARG A 302 20.48 32.65 -22.58
CA ARG A 302 21.44 31.83 -23.37
C ARG A 302 20.97 30.39 -23.40
N PHE A 303 20.50 29.92 -22.25
CA PHE A 303 20.01 28.56 -22.20
C PHE A 303 18.84 28.35 -23.13
N VAL A 304 17.87 29.27 -23.13
CA VAL A 304 16.69 29.09 -23.99
C VAL A 304 17.11 29.10 -25.45
N ALA A 305 17.95 30.04 -25.83
CA ALA A 305 18.41 30.13 -27.23
C ALA A 305 19.10 28.83 -27.64
N ARG A 306 19.99 28.31 -26.79
CA ARG A 306 20.72 27.10 -27.14
C ARG A 306 19.78 25.87 -27.15
N LEU A 307 18.85 25.82 -26.20
CA LEU A 307 17.82 24.77 -26.21
C LEU A 307 17.01 24.76 -27.54
N ALA A 308 16.53 25.93 -27.96
CA ALA A 308 15.76 26.09 -29.23
C ALA A 308 16.61 25.69 -30.45
N ASP A 309 17.87 26.09 -30.45
CA ASP A 309 18.81 25.70 -31.52
C ASP A 309 18.84 24.18 -31.65
N VAL A 310 19.18 23.48 -30.58
CA VAL A 310 19.33 22.02 -30.67
C VAL A 310 17.98 21.32 -30.93
N ALA A 311 16.94 21.81 -30.29
CA ALA A 311 15.61 21.22 -30.46
C ALA A 311 15.11 21.40 -31.87
N SER A 312 15.42 22.55 -32.49
CA SER A 312 14.98 22.76 -33.89
C SER A 312 15.61 21.78 -34.86
N LYS A 313 16.74 21.18 -34.48
CA LYS A 313 17.42 20.20 -35.31
C LYS A 313 17.03 18.77 -35.01
N ILE A 314 16.11 18.58 -34.08
CA ILE A 314 15.60 17.24 -33.84
C ILE A 314 14.84 16.69 -35.05
N THR A 315 15.32 15.51 -35.45
CA THR A 315 14.81 14.65 -36.51
C THR A 315 13.69 13.70 -36.02
N ALA A 316 12.50 13.77 -36.64
CA ALA A 316 11.37 12.91 -36.26
C ALA A 316 10.94 12.08 -37.47
N SER A 317 11.12 10.76 -37.39
CA SER A 317 11.05 9.90 -38.58
C SER A 317 10.50 8.52 -38.26
N VAL A 318 10.20 7.77 -39.31
CA VAL A 318 9.77 6.37 -39.17
C VAL A 318 10.80 5.54 -38.36
N PHE A 319 10.27 4.58 -37.60
CA PHE A 319 11.05 3.90 -36.57
C PHE A 319 12.35 3.22 -37.07
N ASP A 320 12.37 2.78 -38.33
CA ASP A 320 13.54 2.07 -38.86
C ASP A 320 14.33 2.93 -39.86
N ALA A 321 14.19 4.26 -39.78
CA ALA A 321 14.91 5.17 -40.67
C ALA A 321 16.42 5.02 -40.51
N ASP A 322 17.14 5.27 -41.60
CA ASP A 322 18.60 5.31 -41.61
C ASP A 322 18.98 6.65 -42.28
N PRO A 323 19.62 7.57 -41.55
CA PRO A 323 20.04 7.42 -40.16
C PRO A 323 18.84 7.40 -39.22
N GLN A 324 19.06 6.86 -38.02
CA GLN A 324 18.01 6.77 -37.00
C GLN A 324 17.64 8.15 -36.46
N PRO A 325 16.34 8.40 -36.24
CA PRO A 325 15.90 9.67 -35.68
C PRO A 325 16.03 9.66 -34.15
N PHE A 326 15.97 10.83 -33.54
CA PHE A 326 15.99 10.90 -32.08
C PHE A 326 14.63 10.45 -31.52
N MET A 327 13.56 10.86 -32.18
CA MET A 327 12.23 10.47 -31.79
C MET A 327 11.41 10.12 -33.01
N GLY A 328 10.34 9.39 -32.76
CA GLY A 328 9.45 8.99 -33.82
C GLY A 328 8.20 9.83 -33.77
N ALA A 329 7.23 9.43 -34.57
CA ALA A 329 5.86 9.90 -34.42
C ALA A 329 5.39 9.57 -33.02
N VAL A 330 4.52 10.39 -32.45
CA VAL A 330 3.81 9.95 -31.25
C VAL A 330 2.91 8.75 -31.58
N ILE A 331 2.29 8.16 -30.55
CA ILE A 331 1.54 6.91 -30.68
C ILE A 331 0.46 6.90 -31.79
N SER A 332 -0.19 8.04 -32.05
CA SER A 332 -1.21 8.09 -33.09
C SER A 332 -1.43 9.47 -33.68
N ALA A 333 -2.00 9.47 -34.87
CA ALA A 333 -2.49 10.67 -35.51
C ALA A 333 -3.41 11.44 -34.57
N ARG A 334 -4.29 10.75 -33.85
CA ARG A 334 -5.20 11.37 -32.89
C ARG A 334 -4.45 12.09 -31.76
N ALA A 335 -3.41 11.45 -31.24
CA ALA A 335 -2.63 12.09 -30.17
C ALA A 335 -1.91 13.31 -30.73
N ALA A 336 -1.40 13.22 -31.95
CA ALA A 336 -0.69 14.38 -32.55
C ALA A 336 -1.66 15.57 -32.66
N SER A 337 -2.89 15.29 -33.11
CA SER A 337 -3.92 16.32 -33.23
CA SER A 337 -3.91 16.33 -33.24
C SER A 337 -4.25 16.93 -31.87
N ARG A 338 -4.37 16.09 -30.82
CA ARG A 338 -4.63 16.60 -29.47
C ARG A 338 -3.49 17.51 -28.97
N LEU A 339 -2.25 17.19 -29.32
CA LEU A 339 -1.13 18.04 -28.85
C LEU A 339 -1.18 19.42 -29.49
N VAL A 340 -1.37 19.44 -30.81
CA VAL A 340 -1.55 20.72 -31.53
C VAL A 340 -2.72 21.51 -30.93
N ALA A 341 -3.84 20.83 -30.69
CA ALA A 341 -4.99 21.47 -30.04
C ALA A 341 -4.64 22.02 -28.65
N ALA A 342 -3.87 21.25 -27.87
CA ALA A 342 -3.35 21.72 -26.56
C ALA A 342 -2.45 22.95 -26.69
N GLN A 343 -1.56 22.98 -27.67
CA GLN A 343 -0.82 24.20 -27.91
C GLN A 343 -1.77 25.39 -28.25
N ALA A 344 -2.76 25.19 -29.12
CA ALA A 344 -3.65 26.32 -29.50
C ALA A 344 -4.43 26.81 -28.27
N ARG A 345 -4.86 25.89 -27.42
CA ARG A 345 -5.53 26.29 -26.18
C ARG A 345 -4.64 27.19 -25.30
N LEU A 346 -3.40 26.77 -25.06
CA LEU A 346 -2.44 27.57 -24.26
C LEU A 346 -2.13 28.90 -24.89
N VAL A 347 -2.04 28.95 -26.23
CA VAL A 347 -1.82 30.23 -26.93
C VAL A 347 -3.05 31.13 -26.70
N GLY A 348 -4.23 30.51 -26.69
CA GLY A 348 -5.49 31.22 -26.35
C GLY A 348 -5.35 31.90 -24.99
N LEU A 349 -4.64 31.23 -24.08
CA LEU A 349 -4.46 31.71 -22.70
C LEU A 349 -3.23 32.63 -22.53
N GLY A 350 -2.54 32.93 -23.63
CA GLY A 350 -1.44 33.92 -23.60
C GLY A 350 -0.05 33.31 -23.80
N ALA A 351 0.04 32.02 -24.08
CA ALA A 351 1.37 31.42 -24.25
C ALA A 351 1.90 31.84 -25.60
N SER A 352 3.20 31.78 -25.76
CA SER A 352 3.86 32.33 -26.92
C SER A 352 4.86 31.30 -27.46
N PRO A 353 4.70 30.84 -28.70
CA PRO A 353 5.62 29.80 -29.10
C PRO A 353 7.08 30.25 -29.25
N ILE A 354 8.02 29.41 -28.82
CA ILE A 354 9.45 29.53 -29.18
C ILE A 354 9.71 28.65 -30.40
N ILE A 355 9.32 27.38 -30.32
CA ILE A 355 9.24 26.49 -31.50
C ILE A 355 7.80 26.01 -31.56
N GLU A 356 7.12 26.40 -32.62
CA GLU A 356 5.71 26.07 -32.76
C GLU A 356 5.56 24.61 -33.18
N MET A 357 4.63 23.89 -32.56
CA MET A 357 4.36 22.51 -32.97
C MET A 357 3.44 22.49 -34.19
N LYS A 358 3.80 21.69 -35.18
CA LYS A 358 2.96 21.40 -36.35
C LYS A 358 2.87 19.88 -36.53
N GLN A 359 1.70 19.39 -36.94
CA GLN A 359 1.53 18.00 -37.35
C GLN A 359 1.79 17.97 -38.86
N ARG A 360 2.90 17.34 -39.25
CA ARG A 360 3.33 17.21 -40.65
C ARG A 360 2.22 16.68 -41.58
N ASP A 361 1.36 15.79 -41.09
CA ASP A 361 0.39 15.07 -41.95
C ASP A 361 -0.77 14.60 -41.06
N PRO A 362 -2.04 15.02 -41.37
CA PRO A 362 -3.17 14.72 -40.46
C PRO A 362 -3.42 13.22 -40.32
N ALA A 363 -2.95 12.43 -41.28
CA ALA A 363 -3.10 11.00 -41.24
C ALA A 363 -2.07 10.30 -40.34
N LEU A 364 -1.01 11.02 -39.95
CA LEU A 364 0.12 10.41 -39.21
C LEU A 364 0.40 11.07 -37.86
N GLY A 365 1.22 10.39 -37.05
CA GLY A 365 1.57 10.87 -35.72
C GLY A 365 2.78 11.80 -35.64
N PHE A 366 3.30 12.29 -36.77
CA PHE A 366 4.47 13.19 -36.73
C PHE A 366 4.13 14.59 -36.22
N VAL A 367 4.75 14.98 -35.10
CA VAL A 367 4.80 16.36 -34.69
C VAL A 367 6.25 16.67 -34.35
N ASN A 368 6.66 17.93 -34.56
CA ASN A 368 8.02 18.36 -34.24
C ASN A 368 8.23 18.57 -32.73
N ALA A 369 9.49 18.51 -32.30
CA ALA A 369 9.86 18.89 -30.93
C ALA A 369 9.62 20.40 -30.66
N ALA A 370 8.66 20.71 -29.80
CA ALA A 370 8.15 22.06 -29.67
C ALA A 370 8.39 22.65 -28.30
N ILE A 371 8.44 23.97 -28.25
CA ILE A 371 8.77 24.70 -27.03
C ILE A 371 7.86 25.89 -27.01
N LEU A 372 7.10 25.99 -25.94
CA LEU A 372 6.05 26.98 -25.77
C LEU A 372 6.36 27.77 -24.51
N ASP A 373 6.52 29.09 -24.61
CA ASP A 373 6.72 29.88 -23.41
C ASP A 373 5.37 30.18 -22.75
N VAL A 374 5.18 29.68 -21.54
CA VAL A 374 3.88 29.80 -20.86
C VAL A 374 3.96 30.76 -19.68
N THR A 375 5.06 31.51 -19.63
CA THR A 375 5.24 32.47 -18.55
C THR A 375 4.04 33.41 -18.35
N ASN A 376 3.47 33.91 -19.45
CA ASN A 376 2.40 34.90 -19.33
C ASN A 376 1.02 34.27 -19.14
N VAL A 377 0.94 32.96 -18.94
CA VAL A 377 -0.34 32.36 -18.65
C VAL A 377 -0.66 32.61 -17.18
N ARG A 378 -1.84 33.17 -16.91
CA ARG A 378 -2.17 33.61 -15.55
C ARG A 378 -2.44 32.42 -14.65
N GLU A 379 -3.25 31.46 -15.10
CA GLU A 379 -3.57 30.27 -14.31
C GLU A 379 -3.21 29.06 -15.15
N LEU A 380 -2.00 28.59 -14.94
CA LEU A 380 -1.49 27.55 -15.82
C LEU A 380 -2.19 26.22 -15.54
N PRO A 381 -2.87 25.65 -16.54
CA PRO A 381 -3.46 24.34 -16.33
C PRO A 381 -2.45 23.29 -15.78
N ASP A 382 -2.89 22.58 -14.73
CA ASP A 382 -2.10 21.50 -14.11
C ASP A 382 -2.53 20.19 -14.79
N GLU A 383 -1.85 19.82 -15.87
CA GLU A 383 -2.31 18.75 -16.76
C GLU A 383 -1.21 17.75 -17.08
N GLU A 384 -1.61 16.49 -17.26
CA GLU A 384 -0.69 15.37 -17.49
C GLU A 384 -0.05 15.48 -18.82
N HIS A 385 1.18 15.04 -18.91
CA HIS A 385 1.96 15.23 -20.14
C HIS A 385 1.63 14.08 -21.07
N PHE A 386 1.60 14.31 -22.41
CA PHE A 386 1.49 13.19 -23.35
C PHE A 386 2.21 13.35 -24.71
N GLY A 387 3.23 14.19 -24.76
CA GLY A 387 3.93 14.42 -26.03
C GLY A 387 4.96 15.54 -25.94
N PRO A 388 5.64 15.84 -27.06
CA PRO A 388 6.87 16.65 -27.01
C PRO A 388 6.58 18.13 -27.13
N LEU A 389 5.69 18.62 -26.26
CA LEU A 389 5.38 20.04 -26.17
C LEU A 389 5.91 20.58 -24.85
N ALA A 390 7.21 20.91 -24.82
CA ALA A 390 7.85 21.51 -23.66
C ALA A 390 7.36 22.92 -23.31
N GLN A 391 7.00 23.12 -22.03
CA GLN A 391 6.59 24.42 -21.57
C GLN A 391 7.72 25.13 -20.84
N ILE A 392 8.13 26.29 -21.32
CA ILE A 392 9.13 27.10 -20.61
C ILE A 392 8.46 28.04 -19.62
N VAL A 393 8.99 28.08 -18.40
CA VAL A 393 8.50 28.99 -17.37
C VAL A 393 9.70 29.76 -16.85
N ARG A 394 9.64 31.10 -16.93
CA ARG A 394 10.76 31.97 -16.52
C ARG A 394 10.54 32.37 -15.08
N TYR A 395 11.58 32.25 -14.24
CA TYR A 395 11.44 32.48 -12.79
C TYR A 395 12.45 33.49 -12.30
N THR A 396 12.34 33.92 -11.05
CA THR A 396 13.29 34.90 -10.51
C THR A 396 14.42 34.23 -9.76
N ASP A 397 14.18 33.82 -8.52
CA ASP A 397 15.19 33.14 -7.73
C ASP A 397 14.85 31.65 -7.48
N LEU A 398 15.77 30.91 -6.88
CA LEU A 398 15.59 29.49 -6.68
C LEU A 398 14.31 29.21 -5.87
N ASP A 399 14.07 30.02 -4.83
CA ASP A 399 12.83 29.88 -4.06
C ASP A 399 11.57 29.97 -4.94
N ASP A 400 11.61 30.82 -5.95
CA ASP A 400 10.48 31.02 -6.87
C ASP A 400 10.36 29.81 -7.80
N ALA A 401 11.51 29.31 -8.30
CA ALA A 401 11.55 28.11 -9.08
C ALA A 401 10.95 26.91 -8.35
N ILE A 402 11.29 26.76 -7.09
CA ILE A 402 10.81 25.66 -6.28
C ILE A 402 9.29 25.75 -6.02
N ALA A 403 8.81 26.97 -5.74
CA ALA A 403 7.38 27.16 -5.49
C ALA A 403 6.62 26.83 -6.76
N ARG A 404 7.14 27.27 -7.91
CA ARG A 404 6.50 26.95 -9.20
C ARG A 404 6.55 25.44 -9.52
N ALA A 405 7.74 24.87 -9.35
CA ALA A 405 7.95 23.44 -9.53
C ALA A 405 6.92 22.61 -8.78
N ASN A 406 6.72 22.94 -7.52
CA ASN A 406 5.79 22.22 -6.67
C ASN A 406 4.34 22.65 -6.90
N ASP A 407 4.07 23.52 -7.89
CA ASP A 407 2.67 24.03 -8.06
C ASP A 407 1.90 23.08 -8.94
N THR A 408 1.54 21.93 -8.37
CA THR A 408 0.90 20.86 -9.13
C THR A 408 0.38 19.82 -8.14
N ALA A 409 -0.67 19.11 -8.52
CA ALA A 409 -1.24 18.02 -7.69
C ALA A 409 -0.52 16.70 -7.99
N PHE A 410 0.35 16.73 -9.00
CA PHE A 410 1.15 15.59 -9.44
C PHE A 410 2.49 15.59 -8.72
N GLY A 411 3.29 14.55 -8.97
CA GLY A 411 4.54 14.38 -8.21
C GLY A 411 5.36 13.20 -8.63
N LEU A 412 5.48 12.98 -9.93
CA LEU A 412 6.20 11.78 -10.40
C LEU A 412 7.69 12.03 -10.37
N SER A 413 8.17 12.86 -11.30
CA SER A 413 9.57 13.18 -11.37
C SER A 413 9.83 14.71 -11.32
N ALA A 414 11.09 15.01 -11.13
CA ALA A 414 11.59 16.36 -11.11
C ALA A 414 13.09 16.34 -11.22
N GLY A 415 13.66 17.48 -11.60
CA GLY A 415 15.13 17.57 -11.66
C GLY A 415 15.64 18.99 -11.52
N LEU A 416 16.92 19.07 -11.19
CA LEU A 416 17.66 20.31 -11.10
C LEU A 416 18.94 20.17 -11.89
N LEU A 417 19.20 21.16 -12.75
CA LEU A 417 20.51 21.29 -13.39
C LEU A 417 21.16 22.50 -12.74
N ALA A 418 22.27 22.25 -12.02
CA ALA A 418 23.00 23.32 -11.30
C ALA A 418 24.33 22.82 -10.84
N ASP A 419 25.34 23.67 -10.86
CA ASP A 419 26.66 23.29 -10.37
C ASP A 419 26.67 23.41 -8.83
N ASP A 420 25.86 24.31 -8.30
CA ASP A 420 25.91 24.58 -6.84
C ASP A 420 25.22 23.44 -6.03
N GLU A 421 26.03 22.60 -5.39
CA GLU A 421 25.48 21.57 -4.51
C GLU A 421 24.50 22.11 -3.45
N GLN A 422 24.71 23.32 -2.98
CA GLN A 422 23.79 23.95 -2.04
C GLN A 422 22.38 24.20 -2.61
N ALA A 423 22.30 24.56 -3.89
CA ALA A 423 21.02 24.65 -4.61
C ALA A 423 20.34 23.27 -4.68
N TRP A 424 21.13 22.22 -4.91
CA TRP A 424 20.59 20.86 -4.89
C TRP A 424 19.96 20.51 -3.56
N HIS A 425 20.66 20.78 -2.46
CA HIS A 425 20.12 20.39 -1.15
C HIS A 425 18.83 21.14 -0.85
N THR A 426 18.79 22.43 -1.16
CA THR A 426 17.56 23.20 -1.01
C THR A 426 16.42 22.67 -1.86
N PHE A 427 16.73 22.38 -3.11
CA PHE A 427 15.74 21.91 -4.08
C PHE A 427 15.18 20.57 -3.64
N ARG A 428 16.08 19.64 -3.39
CA ARG A 428 15.68 18.29 -3.10
C ARG A 428 14.87 18.19 -1.82
N ARG A 429 15.18 19.02 -0.85
CA ARG A 429 14.46 18.94 0.43
C ARG A 429 13.05 19.52 0.29
N ALA A 430 12.86 20.46 -0.65
CA ALA A 430 11.56 21.12 -0.83
C ALA A 430 10.64 20.43 -1.83
N ILE A 431 11.22 19.84 -2.86
CA ILE A 431 10.45 19.27 -3.96
C ILE A 431 9.67 18.06 -3.47
N ARG A 432 8.47 17.89 -4.00
CA ARG A 432 7.60 16.78 -3.63
C ARG A 432 7.43 15.85 -4.82
N ALA A 433 8.31 14.85 -4.95
CA ALA A 433 8.17 13.91 -6.05
C ALA A 433 8.93 12.62 -5.73
N GLY A 434 8.65 11.57 -6.47
CA GLY A 434 9.22 10.23 -6.21
C GLY A 434 10.54 9.96 -6.88
N ILE A 435 10.78 10.66 -7.99
CA ILE A 435 12.02 10.49 -8.76
C ILE A 435 12.60 11.89 -8.89
N VAL A 436 13.75 12.16 -8.28
CA VAL A 436 14.28 13.53 -8.22
C VAL A 436 15.80 13.51 -8.50
N ASN A 437 16.22 14.06 -9.65
CA ASN A 437 17.59 13.91 -10.09
C ASN A 437 18.33 15.27 -10.10
N TRP A 438 19.65 15.18 -10.01
CA TRP A 438 20.55 16.34 -10.01
C TRP A 438 21.53 16.15 -11.14
N ASN A 439 21.51 17.09 -12.10
CA ASN A 439 22.45 17.06 -13.22
C ASN A 439 22.34 15.78 -14.05
N ARG A 440 21.10 15.29 -14.15
CA ARG A 440 20.69 14.22 -15.07
C ARG A 440 19.32 14.53 -15.65
N PRO A 441 18.95 13.87 -16.77
CA PRO A 441 17.58 14.02 -17.24
C PRO A 441 16.53 13.61 -16.19
N THR A 442 15.30 14.14 -16.29
CA THR A 442 14.23 13.74 -15.36
C THR A 442 13.77 12.30 -15.66
N ASN A 443 14.16 11.76 -16.84
CA ASN A 443 13.84 10.38 -17.17
C ASN A 443 14.97 9.38 -16.89
N GLY A 444 16.00 9.83 -16.19
CA GLY A 444 17.04 8.95 -15.61
C GLY A 444 16.59 8.27 -14.32
N ALA A 445 17.03 7.04 -14.12
CA ALA A 445 16.56 6.21 -13.01
C ALA A 445 17.43 4.94 -12.81
N SER A 446 17.60 4.50 -11.57
CA SER A 446 18.19 3.19 -11.32
C SER A 446 17.13 2.11 -11.50
N SER A 447 17.48 1.08 -12.25
CA SER A 447 16.50 -0.01 -12.50
C SER A 447 16.18 -0.76 -11.20
N ALA A 448 17.05 -0.62 -10.22
CA ALA A 448 16.97 -1.31 -8.94
C ALA A 448 16.51 -0.41 -7.79
N ALA A 449 15.83 0.68 -8.12
CA ALA A 449 15.25 1.54 -7.08
C ALA A 449 13.75 1.54 -7.24
N PRO A 450 13.07 1.92 -6.17
CA PRO A 450 11.63 2.01 -6.29
C PRO A 450 11.21 3.17 -7.23
N PHE A 451 10.04 3.02 -7.82
CA PHE A 451 9.51 4.01 -8.77
C PHE A 451 8.04 4.24 -8.45
N GLY A 452 7.76 5.38 -7.82
CA GLY A 452 6.43 5.73 -7.39
C GLY A 452 6.26 7.23 -7.33
N GLY A 453 5.24 7.72 -8.01
CA GLY A 453 4.88 9.12 -7.92
C GLY A 453 4.11 9.51 -6.65
N ALA A 454 4.31 10.76 -6.24
CA ALA A 454 3.52 11.36 -5.20
C ALA A 454 2.28 12.08 -5.82
N GLY A 455 1.40 12.56 -4.96
CA GLY A 455 0.12 13.20 -5.35
C GLY A 455 -0.68 12.31 -6.28
N ARG A 456 -1.32 12.94 -7.25
CA ARG A 456 -2.09 12.22 -8.27
C ARG A 456 -1.29 11.33 -9.22
N SER A 457 0.04 11.28 -9.08
CA SER A 457 0.87 10.42 -9.91
C SER A 457 0.92 8.97 -9.39
N GLY A 458 0.29 8.70 -8.25
CA GLY A 458 0.28 7.35 -7.70
C GLY A 458 -0.74 7.14 -6.62
N ASN A 459 -0.69 5.96 -6.00
CA ASN A 459 -1.50 5.68 -4.80
C ASN A 459 -0.66 5.04 -3.71
N HIS A 460 0.58 5.53 -3.58
CA HIS A 460 1.52 5.08 -2.54
C HIS A 460 1.76 3.58 -2.58
N ARG A 461 1.86 3.07 -3.80
CA ARG A 461 2.29 1.70 -4.05
C ARG A 461 3.35 1.75 -5.13
N PRO A 462 4.52 2.22 -4.75
CA PRO A 462 5.63 2.35 -5.69
C PRO A 462 5.97 1.03 -6.34
N SER A 463 6.35 1.10 -7.61
CA SER A 463 6.65 -0.05 -8.38
C SER A 463 8.18 -0.13 -8.59
N ALA A 464 8.59 -0.69 -9.71
CA ALA A 464 10.00 -1.07 -9.92
C ALA A 464 10.49 -1.89 -8.73
N TYR A 465 11.51 -1.45 -8.02
CA TYR A 465 12.08 -2.31 -7.00
C TYR A 465 11.08 -2.66 -5.92
N TYR A 466 10.17 -1.76 -5.58
CA TYR A 466 9.15 -2.06 -4.58
C TYR A 466 7.89 -2.76 -5.09
N ALA A 467 7.87 -3.15 -6.37
CA ALA A 467 6.72 -3.91 -6.89
C ALA A 467 6.44 -5.15 -6.05
N ALA A 468 7.50 -5.77 -5.51
CA ALA A 468 7.37 -6.90 -4.66
C ALA A 468 6.34 -6.67 -3.57
N ASP A 469 6.35 -5.48 -3.00
CA ASP A 469 5.52 -5.15 -1.85
C ASP A 469 4.02 -5.32 -2.14
N TYR A 470 3.58 -4.98 -3.36
CA TYR A 470 2.16 -5.15 -3.68
C TYR A 470 1.82 -6.50 -4.34
N CYS A 471 2.83 -7.30 -4.62
CA CYS A 471 2.66 -8.60 -5.25
C CYS A 471 2.50 -9.75 -4.24
N ALA A 472 2.82 -9.47 -2.98
CA ALA A 472 2.66 -10.44 -1.90
C ALA A 472 2.43 -9.76 -0.57
N TYR A 473 1.70 -10.44 0.30
CA TYR A 473 1.41 -9.95 1.64
C TYR A 473 2.20 -10.79 2.64
N PRO A 474 2.61 -10.17 3.76
CA PRO A 474 3.34 -10.89 4.77
C PRO A 474 2.43 -11.82 5.52
N MET A 475 2.90 -13.03 5.80
CA MET A 475 2.20 -13.90 6.71
C MET A 475 3.20 -14.23 7.81
N ALA A 476 2.89 -13.76 9.02
CA ALA A 476 3.81 -13.90 10.15
C ALA A 476 3.31 -15.02 11.05
N SER A 477 4.22 -15.91 11.40
CA SER A 477 3.92 -17.05 12.26
C SER A 477 4.80 -17.06 13.50
N VAL A 478 4.20 -17.56 14.58
CA VAL A 478 4.94 -18.11 15.67
C VAL A 478 4.66 -19.61 15.62
N GLU A 479 5.73 -20.41 15.49
CA GLU A 479 5.62 -21.84 15.32
C GLU A 479 6.27 -22.54 16.51
N SER A 480 5.54 -23.47 17.12
CA SER A 480 6.05 -24.26 18.20
C SER A 480 5.86 -25.74 17.86
N ALA A 481 6.92 -26.40 17.39
CA ALA A 481 6.81 -27.81 17.04
C ALA A 481 6.20 -28.61 18.18
N GLN A 482 6.63 -28.32 19.41
CA GLN A 482 6.10 -28.99 20.55
C GLN A 482 4.98 -28.17 21.15
N LEU A 483 3.79 -28.73 21.24
CA LEU A 483 2.69 -28.11 22.00
C LEU A 483 3.02 -28.23 23.48
N GLN A 484 2.91 -27.14 24.24
CA GLN A 484 3.25 -27.22 25.67
C GLN A 484 2.45 -26.22 26.51
N MET A 485 2.10 -26.64 27.72
CA MET A 485 1.56 -25.76 28.75
C MET A 485 2.65 -24.78 29.12
N PRO A 486 2.30 -23.50 29.39
CA PRO A 486 3.28 -22.66 30.07
C PRO A 486 3.50 -23.11 31.54
N ALA A 487 4.72 -22.96 32.05
CA ALA A 487 5.03 -23.41 33.42
C ALA A 487 4.21 -22.62 34.49
N SER A 488 3.96 -21.33 34.24
CA SER A 488 3.06 -20.53 35.10
C SER A 488 1.89 -19.89 34.31
N LEU A 489 0.69 -20.02 34.86
CA LEU A 489 -0.55 -19.65 34.19
C LEU A 489 -1.02 -18.25 34.48
N SER A 490 -1.73 -17.65 33.53
CA SER A 490 -2.43 -16.39 33.75
C SER A 490 -3.38 -16.51 34.92
N PRO A 491 -3.66 -15.40 35.61
CA PRO A 491 -4.63 -15.46 36.68
C PRO A 491 -5.98 -15.96 36.19
N GLY A 492 -6.67 -16.74 37.02
CA GLY A 492 -8.07 -17.13 36.75
C GLY A 492 -8.27 -18.32 35.84
N LEU A 493 -7.16 -18.99 35.49
CA LEU A 493 -7.18 -20.22 34.70
C LEU A 493 -6.98 -21.40 35.62
N HIS A 494 -7.95 -22.32 35.63
CA HIS A 494 -7.92 -23.45 36.56
C HIS A 494 -8.05 -24.73 35.82
N PHE A 495 -6.97 -25.51 35.88
CA PHE A 495 -6.86 -26.79 35.19
C PHE A 495 -6.99 -27.94 36.18
N THR B 10 -9.81 21.57 30.32
CA THR B 10 -8.96 21.71 29.10
C THR B 10 -8.46 20.31 28.68
N GLU B 11 -9.12 19.74 27.68
CA GLU B 11 -8.84 18.38 27.26
C GLU B 11 -8.32 18.19 25.83
N LEU B 12 -8.14 19.27 25.08
CA LEU B 12 -7.55 19.15 23.75
C LEU B 12 -6.12 19.60 23.82
N PHE B 13 -5.24 18.94 23.07
CA PHE B 13 -3.82 19.30 23.09
C PHE B 13 -3.49 19.82 21.71
N ILE B 14 -3.26 21.12 21.61
CA ILE B 14 -3.04 21.82 20.36
C ILE B 14 -1.89 22.81 20.56
N ASP B 15 -0.96 22.76 19.62
CA ASP B 15 0.26 23.54 19.65
C ASP B 15 0.97 23.47 20.98
N GLY B 16 1.08 22.26 21.54
CA GLY B 16 1.93 22.05 22.69
C GLY B 16 1.29 22.45 24.00
N ALA B 17 0.00 22.80 23.99
CA ALA B 17 -0.70 23.20 25.23
C ALA B 17 -2.11 22.58 25.32
N TRP B 18 -2.56 22.35 26.54
CA TRP B 18 -3.92 21.90 26.83
C TRP B 18 -4.92 23.08 26.71
N VAL B 19 -5.95 22.93 25.89
CA VAL B 19 -6.92 24.00 25.64
C VAL B 19 -8.33 23.45 25.74
N ASP B 20 -9.29 24.35 25.96
CA ASP B 20 -10.69 23.94 26.11
C ASP B 20 -11.28 23.63 24.77
N GLY B 21 -11.98 22.51 24.67
CA GLY B 21 -12.77 22.21 23.48
C GLY B 21 -14.04 23.03 23.42
N ALA B 22 -14.58 23.21 22.22
CA ALA B 22 -15.84 23.96 22.06
C ALA B 22 -17.00 23.01 21.84
N GLY B 23 -16.72 21.72 21.71
CA GLY B 23 -17.76 20.76 21.40
C GLY B 23 -18.46 20.25 22.64
N PRO B 24 -19.52 19.45 22.45
CA PRO B 24 -20.28 18.95 23.60
C PRO B 24 -19.48 18.07 24.54
N VAL B 25 -19.80 18.15 25.83
CA VAL B 25 -19.10 17.36 26.81
C VAL B 25 -19.50 15.88 26.74
N PHE B 26 -18.52 14.98 26.83
CA PHE B 26 -18.80 13.56 27.01
C PHE B 26 -17.88 12.92 28.05
N ALA B 27 -18.19 11.66 28.39
CA ALA B 27 -17.55 10.94 29.48
C ALA B 27 -17.28 9.48 29.11
N SER B 28 -16.25 8.90 29.73
CA SER B 28 -16.04 7.49 29.68
C SER B 28 -16.37 6.94 31.07
N ARG B 29 -16.82 5.68 31.08
CA ARG B 29 -17.17 4.97 32.28
C ARG B 29 -16.52 3.62 32.34
N ASN B 30 -16.07 3.30 33.55
CA ASN B 30 -15.53 2.00 33.90
C ASN B 30 -16.67 0.99 33.69
N PRO B 31 -16.46 0.00 32.82
CA PRO B 31 -17.58 -0.90 32.50
C PRO B 31 -17.81 -1.91 33.58
N GLY B 32 -16.86 -1.99 34.52
CA GLY B 32 -16.97 -2.85 35.72
C GLY B 32 -17.80 -2.29 36.88
N THR B 33 -17.89 -0.97 36.97
CA THR B 33 -18.58 -0.34 38.09
C THR B 33 -19.56 0.70 37.63
N ASN B 34 -19.40 1.12 36.37
CA ASN B 34 -20.16 2.24 35.82
C ASN B 34 -19.76 3.62 36.39
N GLU B 35 -18.62 3.71 37.07
CA GLU B 35 -18.17 4.98 37.60
C GLU B 35 -17.54 5.77 36.44
N ARG B 36 -17.76 7.07 36.41
CA ARG B 36 -17.14 7.93 35.40
C ARG B 36 -15.62 7.93 35.59
N VAL B 37 -14.88 7.97 34.49
CA VAL B 37 -13.43 7.90 34.55
C VAL B 37 -12.85 9.19 33.97
N TRP B 38 -13.29 9.57 32.79
CA TRP B 38 -12.82 10.79 32.15
C TRP B 38 -14.06 11.51 31.69
N GLU B 39 -14.01 12.82 31.74
CA GLU B 39 -15.05 13.62 31.19
C GLU B 39 -14.46 14.92 30.68
N GLY B 40 -14.88 15.37 29.51
CA GLY B 40 -14.47 16.70 29.08
C GLY B 40 -15.10 17.08 27.78
N ALA B 41 -14.85 18.32 27.38
CA ALA B 41 -15.42 18.90 26.16
C ALA B 41 -14.68 18.31 25.00
N SER B 42 -15.45 17.91 23.99
CA SER B 42 -14.90 17.38 22.78
C SER B 42 -14.46 18.51 21.82
N ALA B 43 -13.83 18.07 20.72
CA ALA B 43 -13.33 18.98 19.72
C ALA B 43 -14.42 19.16 18.67
N SER B 44 -14.84 20.42 18.49
CA SER B 44 -15.76 20.79 17.41
C SER B 44 -15.01 20.81 16.09
N ALA B 45 -15.75 20.91 14.99
CA ALA B 45 -15.17 21.06 13.68
C ALA B 45 -14.06 22.14 13.66
N ASP B 46 -14.31 23.31 14.25
CA ASP B 46 -13.29 24.36 14.30
CA ASP B 46 -13.29 24.36 14.30
C ASP B 46 -12.09 23.93 15.14
N ASP B 47 -12.32 23.17 16.19
CA ASP B 47 -11.21 22.70 17.03
C ASP B 47 -10.32 21.76 16.22
N VAL B 48 -10.93 20.93 15.39
CA VAL B 48 -10.17 20.00 14.57
C VAL B 48 -9.36 20.75 13.51
N GLU B 49 -9.96 21.79 12.94
CA GLU B 49 -9.26 22.68 12.00
C GLU B 49 -7.99 23.26 12.67
N ARG B 50 -8.12 23.72 13.90
CA ARG B 50 -6.96 24.28 14.61
C ARG B 50 -5.88 23.24 14.89
N ALA B 51 -6.30 22.01 15.17
CA ALA B 51 -5.35 20.93 15.42
C ALA B 51 -4.58 20.59 14.16
N VAL B 52 -5.27 20.46 13.03
CA VAL B 52 -4.63 20.22 11.77
C VAL B 52 -3.70 21.35 11.35
N ALA B 53 -4.12 22.59 11.57
CA ALA B 53 -3.27 23.73 11.27
C ALA B 53 -1.98 23.71 12.10
N SER B 54 -2.12 23.35 13.37
CA SER B 54 -0.99 23.27 14.27
C SER B 54 -0.03 22.17 13.84
N ALA B 55 -0.55 21.00 13.47
CA ALA B 55 0.29 19.90 12.95
C ALA B 55 0.99 20.34 11.67
N ARG B 56 0.29 21.10 10.83
CA ARG B 56 0.88 21.60 9.58
C ARG B 56 1.99 22.61 9.85
N ARG B 57 1.75 23.53 10.76
CA ARG B 57 2.78 24.49 11.15
C ARG B 57 4.05 23.81 11.64
N ALA B 58 3.89 22.77 12.44
CA ALA B 58 5.03 22.10 13.06
C ALA B 58 5.78 21.19 12.12
N PHE B 59 5.17 20.82 10.97
CA PHE B 59 5.75 19.80 10.10
C PHE B 59 7.13 20.14 9.58
N ALA B 60 7.33 21.37 9.09
CA ALA B 60 8.62 21.72 8.46
C ALA B 60 9.81 21.55 9.41
N ALA B 61 9.69 22.05 10.64
CA ALA B 61 10.82 21.98 11.58
C ALA B 61 11.01 20.57 12.13
N TRP B 62 9.92 19.82 12.22
CA TRP B 62 10.02 18.45 12.71
C TRP B 62 10.69 17.57 11.66
N SER B 63 10.25 17.65 10.39
CA SER B 63 10.84 16.83 9.33
CA SER B 63 10.82 16.83 9.33
C SER B 63 12.28 17.21 9.06
N ALA B 64 12.57 18.49 9.20
CA ALA B 64 13.95 18.95 9.04
C ALA B 64 14.87 18.54 10.21
N LEU B 65 14.31 18.23 11.38
CA LEU B 65 15.14 17.82 12.49
C LEU B 65 15.95 16.58 12.10
N ASP B 66 17.17 16.47 12.60
CA ASP B 66 18.00 15.25 12.47
C ASP B 66 17.21 14.01 12.88
N LEU B 67 17.31 12.92 12.12
CA LEU B 67 16.68 11.66 12.54
C LEU B 67 17.08 11.27 13.97
N ASP B 68 18.35 11.45 14.31
CA ASP B 68 18.81 11.05 15.62
C ASP B 68 18.11 11.84 16.75
N ALA B 69 17.79 13.11 16.49
CA ALA B 69 17.09 13.97 17.45
C ALA B 69 15.62 13.53 17.60
N ARG B 70 14.96 13.16 16.51
CA ARG B 70 13.59 12.56 16.63
C ARG B 70 13.62 11.25 17.41
N CYS B 71 14.61 10.40 17.10
CA CYS B 71 14.75 9.13 17.81
C CYS B 71 15.03 9.31 19.30
N THR B 72 15.85 10.29 19.69
CA THR B 72 16.11 10.59 21.12
C THR B 72 14.79 10.83 21.88
N ILE B 73 13.89 11.60 21.27
CA ILE B 73 12.63 11.96 21.88
C ILE B 73 11.72 10.75 21.98
N VAL B 74 11.59 9.95 20.91
CA VAL B 74 10.76 8.74 21.01
C VAL B 74 11.36 7.69 21.98
N LYS B 75 12.69 7.58 22.08
CA LYS B 75 13.26 6.69 23.08
C LYS B 75 13.02 7.16 24.52
N ARG B 76 13.03 8.49 24.71
CA ARG B 76 12.69 9.06 26.04
C ARG B 76 11.22 8.73 26.37
N PHE B 77 10.34 8.83 25.38
CA PHE B 77 8.93 8.45 25.55
C PHE B 77 8.86 7.00 26.06
N ALA B 78 9.54 6.06 25.39
CA ALA B 78 9.59 4.66 25.85
C ALA B 78 10.10 4.50 27.26
N ALA B 79 11.20 5.18 27.59
CA ALA B 79 11.72 5.12 28.96
C ALA B 79 10.69 5.64 29.98
N LEU B 80 9.98 6.73 29.65
CA LEU B 80 8.95 7.28 30.59
C LEU B 80 7.72 6.36 30.75
N LEU B 81 7.40 5.63 29.68
CA LEU B 81 6.29 4.64 29.74
C LEU B 81 6.64 3.55 30.71
N VAL B 82 7.88 3.08 30.65
CA VAL B 82 8.30 2.04 31.59
C VAL B 82 8.32 2.60 33.01
N GLU B 83 8.86 3.81 33.21
CA GLU B 83 8.85 4.43 34.53
C GLU B 83 7.43 4.52 35.11
N ARG B 84 6.49 5.00 34.27
CA ARG B 84 5.13 5.30 34.72
C ARG B 84 4.13 4.17 34.37
N LYS B 85 4.64 2.96 34.17
CA LYS B 85 3.83 1.84 33.74
C LYS B 85 2.59 1.59 34.62
N GLU B 86 2.74 1.62 35.93
CA GLU B 86 1.63 1.28 36.80
C GLU B 86 0.47 2.27 36.69
N ALA B 87 0.80 3.56 36.63
CA ALA B 87 -0.23 4.59 36.49
C ALA B 87 -0.94 4.48 35.14
N LEU B 88 -0.20 4.25 34.06
CA LEU B 88 -0.85 4.17 32.75
C LEU B 88 -1.69 2.90 32.61
N ALA B 89 -1.16 1.79 33.11
CA ALA B 89 -1.88 0.52 33.15
C ALA B 89 -3.15 0.67 33.97
N THR B 90 -3.07 1.37 35.09
CA THR B 90 -4.24 1.61 35.91
C THR B 90 -5.33 2.36 35.15
N MET B 91 -4.96 3.35 34.34
CA MET B 91 -5.94 4.13 33.56
C MET B 91 -6.57 3.26 32.47
N ILE B 92 -5.75 2.48 31.78
CA ILE B 92 -6.28 1.49 30.79
C ILE B 92 -7.30 0.56 31.45
N GLY B 93 -6.92 0.01 32.59
CA GLY B 93 -7.83 -0.90 33.34
C GLY B 93 -9.12 -0.20 33.75
N ARG B 94 -9.01 0.96 34.39
CA ARG B 94 -10.20 1.67 34.85
C ARG B 94 -11.16 1.97 33.72
N GLU B 95 -10.61 2.48 32.65
CA GLU B 95 -11.43 2.99 31.57
C GLU B 95 -12.03 1.94 30.69
N THR B 96 -11.29 0.85 30.47
CA THR B 96 -11.73 -0.17 29.52
C THR B 96 -12.10 -1.52 30.12
N GLY B 97 -11.79 -1.76 31.39
CA GLY B 97 -12.09 -3.02 32.05
C GLY B 97 -10.98 -4.04 32.06
N LYS B 98 -9.96 -3.81 31.23
CA LYS B 98 -8.82 -4.70 31.16
C LYS B 98 -8.11 -4.95 32.50
N PRO B 99 -7.92 -6.24 32.86
CA PRO B 99 -7.32 -6.47 34.18
C PRO B 99 -5.92 -5.85 34.27
N LEU B 100 -5.56 -5.40 35.46
CA LEU B 100 -4.33 -4.68 35.65
C LEU B 100 -3.16 -5.49 35.14
N TRP B 101 -3.16 -6.78 35.42
CA TRP B 101 -2.03 -7.62 34.99
C TRP B 101 -1.82 -7.56 33.49
N GLU B 102 -2.92 -7.53 32.75
CA GLU B 102 -2.87 -7.46 31.29
C GLU B 102 -2.55 -6.06 30.80
N ALA B 103 -3.18 -5.07 31.40
CA ALA B 103 -2.89 -3.68 31.09
C ALA B 103 -1.38 -3.38 31.24
N ARG B 104 -0.71 -3.96 32.25
CA ARG B 104 0.74 -3.74 32.40
C ARG B 104 1.47 -4.17 31.13
N THR B 105 1.03 -5.29 30.54
CA THR B 105 1.68 -5.82 29.35
C THR B 105 1.42 -4.96 28.12
N GLU B 106 0.27 -4.29 28.08
CA GLU B 106 0.01 -3.38 27.00
C GLU B 106 1.00 -2.22 27.07
N VAL B 107 1.28 -1.71 28.27
CA VAL B 107 2.26 -0.60 28.40
C VAL B 107 3.65 -1.08 28.00
N ALA B 108 4.00 -2.26 28.44
CA ALA B 108 5.27 -2.85 28.03
C ALA B 108 5.39 -2.89 26.52
N SER B 109 4.31 -3.28 25.80
CA SER B 109 4.39 -3.34 24.32
C SER B 109 4.52 -1.96 23.68
N MET B 110 3.88 -0.97 24.26
CA MET B 110 4.03 0.41 23.81
C MET B 110 5.50 0.83 23.87
N ALA B 111 6.18 0.47 24.93
CA ALA B 111 7.59 0.89 25.08
C ALA B 111 8.49 0.14 24.11
N ALA B 112 8.26 -1.17 24.00
CA ALA B 112 9.06 -2.01 23.09
C ALA B 112 8.90 -1.60 21.65
N LYS B 113 7.75 -1.02 21.31
CA LYS B 113 7.49 -0.56 19.94
C LYS B 113 8.58 0.36 19.45
N VAL B 114 9.16 1.17 20.33
CA VAL B 114 10.09 2.20 19.85
C VAL B 114 11.36 1.66 19.21
N ASP B 115 12.15 0.87 19.93
CA ASP B 115 13.41 0.40 19.35
C ASP B 115 13.16 -0.45 18.09
N ILE B 116 12.07 -1.21 18.10
CA ILE B 116 11.70 -2.01 16.93
C ILE B 116 11.37 -1.13 15.73
N SER B 117 10.65 -0.03 15.98
CA SER B 117 10.26 0.89 14.91
C SER B 117 11.48 1.62 14.36
N ILE B 118 12.45 1.93 15.21
CA ILE B 118 13.69 2.52 14.74
C ILE B 118 14.43 1.56 13.78
N THR B 119 14.54 0.31 14.20
CA THR B 119 15.19 -0.73 13.37
C THR B 119 14.45 -0.88 12.06
N ALA B 120 13.12 -0.93 12.12
CA ALA B 120 12.28 -1.02 10.91
C ALA B 120 12.46 0.15 9.94
N TYR B 121 12.58 1.36 10.50
CA TYR B 121 12.77 2.54 9.71
C TYR B 121 14.05 2.41 8.89
N HIS B 122 15.14 2.01 9.54
CA HIS B 122 16.39 1.88 8.84
C HIS B 122 16.33 0.80 7.77
N GLU B 123 15.67 -0.32 8.06
CA GLU B 123 15.58 -1.44 7.12
C GLU B 123 14.64 -1.19 5.94
N ARG B 124 13.43 -0.71 6.21
CA ARG B 124 12.40 -0.54 5.17
C ARG B 124 12.33 0.82 4.48
N THR B 125 12.70 1.88 5.19
CA THR B 125 12.61 3.27 4.71
C THR B 125 13.90 4.06 5.04
N GLY B 126 15.03 3.43 4.79
CA GLY B 126 16.30 4.01 5.12
C GLY B 126 16.88 4.82 3.98
N GLU B 127 18.20 4.84 3.91
CA GLU B 127 18.91 5.65 2.91
C GLU B 127 20.07 4.82 2.37
N LYS B 128 20.27 4.83 1.06
CA LYS B 128 21.25 3.94 0.44
C LYS B 128 21.93 4.76 -0.63
N ARG B 129 23.18 4.41 -0.93
CA ARG B 129 23.93 5.05 -2.01
C ARG B 129 24.67 3.98 -2.76
N ALA B 130 24.70 4.10 -4.10
CA ALA B 130 25.38 3.09 -4.92
C ALA B 130 25.84 3.69 -6.24
N PRO B 131 27.01 3.27 -6.73
CA PRO B 131 27.55 3.82 -7.96
C PRO B 131 26.73 3.43 -9.20
N MET B 132 26.69 4.33 -10.18
CA MET B 132 26.00 4.15 -11.44
C MET B 132 26.95 4.72 -12.52
N ALA B 133 26.73 4.35 -13.77
CA ALA B 133 27.61 4.80 -14.85
C ALA B 133 27.69 6.34 -14.92
N ASP B 134 26.56 7.00 -14.67
CA ASP B 134 26.47 8.45 -14.83
C ASP B 134 26.36 9.25 -13.54
N GLY B 135 26.67 8.63 -12.41
CA GLY B 135 26.69 9.34 -11.14
C GLY B 135 26.43 8.39 -9.97
N VAL B 136 25.61 8.83 -9.02
CA VAL B 136 25.36 8.05 -7.82
C VAL B 136 23.85 7.88 -7.64
N ALA B 137 23.40 6.62 -7.53
CA ALA B 137 22.02 6.32 -7.17
C ALA B 137 21.82 6.56 -5.68
N VAL B 138 20.83 7.37 -5.32
CA VAL B 138 20.57 7.66 -3.92
C VAL B 138 19.13 7.37 -3.61
N LEU B 139 18.90 6.58 -2.57
CA LEU B 139 17.55 6.32 -2.11
C LEU B 139 17.36 6.99 -0.75
N ARG B 140 16.35 7.83 -0.67
CA ARG B 140 15.92 8.46 0.56
C ARG B 140 14.45 8.12 0.77
N HIS B 141 13.98 8.31 1.98
CA HIS B 141 12.54 8.23 2.23
C HIS B 141 12.02 9.47 2.94
N ARG B 142 10.86 9.97 2.52
CA ARG B 142 10.30 11.23 3.01
C ARG B 142 8.97 11.06 3.77
N PRO B 143 8.76 11.84 4.82
CA PRO B 143 7.44 11.74 5.45
C PRO B 143 6.33 12.37 4.61
N HIS B 144 5.11 11.97 4.83
CA HIS B 144 3.98 12.50 4.05
C HIS B 144 3.57 13.90 4.45
N GLY B 145 3.58 14.17 5.75
CA GLY B 145 3.21 15.48 6.30
C GLY B 145 2.39 15.31 7.56
N VAL B 146 1.13 15.70 7.49
CA VAL B 146 0.20 15.60 8.61
C VAL B 146 -0.61 14.34 8.42
N VAL B 147 -0.63 13.50 9.44
CA VAL B 147 -1.37 12.25 9.39
C VAL B 147 -2.36 12.20 10.56
N ALA B 148 -3.59 11.83 10.23
CA ALA B 148 -4.62 11.58 11.21
C ALA B 148 -4.51 10.14 11.73
N VAL B 149 -4.56 9.90 13.05
CA VAL B 149 -4.54 8.58 13.64
C VAL B 149 -5.83 8.38 14.44
N PHE B 150 -6.57 7.31 14.11
CA PHE B 150 -7.81 6.99 14.78
C PHE B 150 -7.55 5.75 15.63
N GLY B 151 -7.80 5.89 16.94
CA GLY B 151 -7.50 4.83 17.90
C GLY B 151 -8.69 3.95 18.20
N PRO B 152 -8.44 2.71 18.65
CA PRO B 152 -9.53 1.83 19.06
C PRO B 152 -9.65 1.79 20.57
N TYR B 153 -10.56 0.96 21.08
CA TYR B 153 -10.70 0.80 22.53
C TYR B 153 -10.03 -0.43 23.09
N ASN B 154 -9.78 -1.43 22.27
CA ASN B 154 -9.24 -2.69 22.79
C ASN B 154 -7.80 -2.62 23.25
N PHE B 155 -6.95 -1.97 22.46
CA PHE B 155 -5.60 -1.58 22.89
C PHE B 155 -5.49 -0.05 22.74
N PRO B 156 -6.06 0.68 23.70
CA PRO B 156 -6.18 2.14 23.58
C PRO B 156 -4.83 2.85 23.72
N GLY B 157 -3.79 2.13 24.14
CA GLY B 157 -2.42 2.64 24.11
C GLY B 157 -1.57 2.03 23.00
N HIS B 158 -1.53 0.71 22.92
CA HIS B 158 -0.61 0.04 22.00
C HIS B 158 -0.95 0.23 20.52
N LEU B 159 -2.21 0.15 20.13
CA LEU B 159 -2.51 0.20 18.70
C LEU B 159 -2.36 1.61 18.11
N PRO B 160 -2.84 2.67 18.80
CA PRO B 160 -2.45 4.01 18.29
C PRO B 160 -0.96 4.24 18.25
N ASN B 161 -0.26 3.80 19.30
CA ASN B 161 1.20 3.92 19.39
C ASN B 161 1.88 3.25 18.21
N GLY B 162 1.29 2.18 17.68
CA GLY B 162 1.80 1.48 16.53
C GLY B 162 1.74 2.23 15.22
N HIS B 163 0.89 3.26 15.17
CA HIS B 163 0.93 4.24 14.08
C HIS B 163 1.78 5.48 14.42
N ILE B 164 1.62 5.97 15.64
CA ILE B 164 2.19 7.25 16.05
C ILE B 164 3.74 7.18 16.07
N VAL B 165 4.31 6.13 16.66
CA VAL B 165 5.78 5.99 16.80
C VAL B 165 6.43 6.00 15.42
N PRO B 166 6.01 5.11 14.51
CA PRO B 166 6.67 5.11 13.20
C PRO B 166 6.39 6.38 12.42
N ALA B 167 5.22 6.98 12.59
CA ALA B 167 4.90 8.22 11.84
C ALA B 167 5.85 9.32 12.29
N LEU B 168 6.05 9.40 13.60
CA LEU B 168 6.91 10.44 14.17
C LEU B 168 8.37 10.25 13.83
N ILE B 169 8.84 9.01 13.91
CA ILE B 169 10.22 8.67 13.50
C ILE B 169 10.53 9.15 12.07
N ALA B 170 9.58 8.92 11.15
CA ALA B 170 9.73 9.34 9.76
C ALA B 170 9.70 10.85 9.54
N GLY B 171 9.18 11.59 10.51
CA GLY B 171 9.05 13.03 10.42
C GLY B 171 7.68 13.60 10.08
N ASN B 172 6.62 12.79 10.21
CA ASN B 172 5.26 13.28 10.07
C ASN B 172 4.85 13.96 11.36
N THR B 173 3.87 14.86 11.30
CA THR B 173 3.20 15.34 12.49
C THR B 173 1.85 14.66 12.53
N VAL B 174 1.23 14.67 13.70
CA VAL B 174 0.10 13.80 13.98
C VAL B 174 -1.07 14.55 14.62
N VAL B 175 -2.27 14.26 14.15
CA VAL B 175 -3.51 14.54 14.86
C VAL B 175 -4.18 13.24 15.26
N PHE B 176 -4.30 13.03 16.57
CA PHE B 176 -4.75 11.77 17.19
C PHE B 176 -6.20 11.96 17.66
N LYS B 177 -7.12 11.15 17.10
CA LYS B 177 -8.51 11.07 17.51
C LYS B 177 -8.73 9.70 18.19
N PRO B 178 -8.77 9.68 19.52
CA PRO B 178 -8.91 8.41 20.23
C PRO B 178 -10.34 7.88 20.17
N SER B 179 -10.49 6.58 20.41
CA SER B 179 -11.83 6.05 20.64
C SER B 179 -12.50 6.86 21.74
N GLU B 180 -13.77 7.20 21.52
CA GLU B 180 -14.58 7.87 22.54
CA GLU B 180 -14.58 7.86 22.54
C GLU B 180 -14.77 6.97 23.78
N LEU B 181 -14.40 5.70 23.67
CA LEU B 181 -14.45 4.79 24.81
C LEU B 181 -13.11 4.73 25.55
N ALA B 182 -12.07 5.38 25.02
CA ALA B 182 -10.80 5.47 25.77
C ALA B 182 -10.10 6.83 25.74
N PRO B 183 -10.83 7.92 26.05
CA PRO B 183 -10.19 9.24 26.01
C PRO B 183 -9.12 9.45 27.10
N GLY B 184 -9.35 8.90 28.29
CA GLY B 184 -8.44 9.10 29.45
C GLY B 184 -7.07 8.47 29.22
N VAL B 185 -7.09 7.27 28.64
CA VAL B 185 -5.85 6.59 28.27
C VAL B 185 -5.05 7.44 27.30
N ALA B 186 -5.74 8.00 26.31
CA ALA B 186 -5.07 8.87 25.31
C ALA B 186 -4.50 10.13 25.98
N ARG B 187 -5.28 10.81 26.82
CA ARG B 187 -4.73 11.95 27.55
C ARG B 187 -3.47 11.56 28.33
N ALA B 188 -3.54 10.46 29.08
CA ALA B 188 -2.39 9.99 29.84
C ALA B 188 -1.16 9.69 28.95
N THR B 189 -1.41 9.22 27.74
CA THR B 189 -0.33 8.91 26.82
C THR B 189 0.29 10.24 26.31
N VAL B 190 -0.57 11.15 25.91
CA VAL B 190 -0.13 12.45 25.43
C VAL B 190 0.63 13.28 26.47
N GLU B 191 0.25 13.18 27.74
CA GLU B 191 1.04 13.81 28.80
C GLU B 191 2.47 13.28 28.83
N ILE B 192 2.64 11.99 28.52
CA ILE B 192 3.97 11.35 28.54
C ILE B 192 4.78 11.82 27.33
N TRP B 193 4.12 11.93 26.16
CA TRP B 193 4.77 12.51 24.97
C TRP B 193 5.27 13.94 25.23
N ARG B 194 4.43 14.75 25.86
CA ARG B 194 4.85 16.07 26.28
C ARG B 194 6.10 16.02 27.16
N ASP B 195 6.09 15.19 28.19
CA ASP B 195 7.26 15.08 29.07
C ASP B 195 8.47 14.51 28.34
N ALA B 196 8.25 13.74 27.27
CA ALA B 196 9.34 13.23 26.46
C ALA B 196 10.02 14.27 25.60
N GLY B 197 9.43 15.46 25.54
CA GLY B 197 10.09 16.56 24.82
C GLY B 197 9.61 16.71 23.38
N LEU B 198 8.43 16.20 23.07
CA LEU B 198 7.93 16.36 21.72
C LEU B 198 7.65 17.85 21.45
N PRO B 199 8.13 18.40 20.33
CA PRO B 199 7.88 19.83 20.18
C PRO B 199 6.42 20.18 19.89
N ALA B 200 6.07 21.40 20.29
CA ALA B 200 4.72 21.95 20.14
C ALA B 200 4.16 21.79 18.74
N GLY B 201 2.99 21.18 18.65
CA GLY B 201 2.30 20.99 17.39
C GLY B 201 2.62 19.65 16.72
N VAL B 202 3.66 18.97 17.16
CA VAL B 202 4.03 17.69 16.51
C VAL B 202 3.00 16.58 16.77
N LEU B 203 2.43 16.54 17.97
CA LEU B 203 1.32 15.67 18.26
C LEU B 203 0.16 16.48 18.88
N ASN B 204 -1.03 16.36 18.29
CA ASN B 204 -2.22 17.09 18.74
C ASN B 204 -3.32 16.08 19.03
N LEU B 205 -4.13 16.38 20.06
CA LEU B 205 -5.13 15.44 20.56
C LEU B 205 -6.52 16.07 20.38
N VAL B 206 -7.38 15.43 19.58
CA VAL B 206 -8.77 15.84 19.45
C VAL B 206 -9.69 14.76 20.02
N GLN B 207 -10.15 14.96 21.26
CA GLN B 207 -11.06 14.04 21.89
C GLN B 207 -12.44 14.27 21.31
N GLY B 208 -13.23 13.23 21.21
CA GLY B 208 -14.61 13.43 20.76
C GLY B 208 -15.31 12.16 20.35
N GLU B 209 -16.56 12.34 19.89
CA GLU B 209 -17.41 11.25 19.44
C GLU B 209 -17.52 11.32 17.91
N LYS B 210 -18.62 10.85 17.34
CA LYS B 210 -18.79 10.77 15.89
C LYS B 210 -18.43 12.03 15.16
N ASP B 211 -18.98 13.18 15.58
CA ASP B 211 -18.74 14.43 14.86
C ASP B 211 -17.26 14.84 14.84
N THR B 212 -16.55 14.68 15.93
CA THR B 212 -15.11 14.94 15.94
C THR B 212 -14.38 14.07 14.90
N GLY B 213 -14.75 12.80 14.85
CA GLY B 213 -14.11 11.82 13.94
C GLY B 213 -14.41 12.16 12.49
N VAL B 214 -15.66 12.58 12.22
CA VAL B 214 -16.04 12.94 10.85
C VAL B 214 -15.28 14.16 10.40
N ALA B 215 -15.18 15.19 11.26
CA ALA B 215 -14.48 16.42 10.86
C ALA B 215 -12.99 16.15 10.52
N LEU B 216 -12.34 15.31 11.32
CA LEU B 216 -10.93 14.98 11.02
C LEU B 216 -10.80 14.16 9.74
N ALA B 217 -11.64 13.15 9.56
CA ALA B 217 -11.53 12.29 8.37
C ALA B 217 -11.84 13.04 7.07
N ASN B 218 -12.70 14.05 7.14
CA ASN B 218 -13.07 14.85 5.96
C ASN B 218 -12.12 16.02 5.72
N HIS B 219 -11.13 16.22 6.58
CA HIS B 219 -10.24 17.38 6.41
C HIS B 219 -9.41 17.21 5.13
N ARG B 220 -9.39 18.24 4.30
CA ARG B 220 -8.70 18.18 3.00
C ARG B 220 -7.22 18.54 3.06
N GLN B 221 -6.71 18.93 4.22
CA GLN B 221 -5.28 19.15 4.39
C GLN B 221 -4.56 18.11 5.24
N ILE B 222 -5.12 16.92 5.42
CA ILE B 222 -4.32 15.80 5.96
C ILE B 222 -3.74 14.96 4.83
N ASP B 223 -2.52 14.43 5.02
CA ASP B 223 -1.82 13.66 3.97
C ASP B 223 -1.98 12.15 4.12
N GLY B 224 -2.43 11.73 5.30
CA GLY B 224 -2.64 10.34 5.54
C GLY B 224 -3.63 10.13 6.66
N LEU B 225 -4.25 8.96 6.65
CA LEU B 225 -5.20 8.54 7.70
C LEU B 225 -4.87 7.12 8.08
N PHE B 226 -4.48 6.93 9.34
CA PHE B 226 -4.07 5.64 9.84
C PHE B 226 -5.11 5.22 10.88
N PHE B 227 -5.78 4.11 10.62
CA PHE B 227 -7.00 3.71 11.31
C PHE B 227 -6.83 2.32 11.91
N THR B 228 -7.28 2.16 13.15
CA THR B 228 -7.46 0.84 13.75
C THR B 228 -8.88 0.78 14.29
N GLY B 229 -9.67 -0.22 13.85
CA GLY B 229 -11.06 -0.36 14.32
C GLY B 229 -11.85 -1.42 13.57
N SER B 230 -13.17 -1.30 13.54
CA SER B 230 -13.97 -2.35 12.89
C SER B 230 -13.87 -2.29 11.39
N SER B 231 -14.17 -3.43 10.76
CA SER B 231 -14.18 -3.50 9.30
C SER B 231 -15.31 -2.66 8.75
N ASP B 232 -16.45 -2.66 9.43
CA ASP B 232 -17.54 -1.77 9.08
C ASP B 232 -17.11 -0.31 8.99
N THR B 233 -16.48 0.21 10.04
CA THR B 233 -16.10 1.63 10.02
C THR B 233 -14.97 1.88 9.04
N GLY B 234 -13.98 1.00 9.02
CA GLY B 234 -12.84 1.16 8.12
C GLY B 234 -13.23 1.15 6.66
N THR B 235 -14.17 0.30 6.31
CA THR B 235 -14.65 0.19 4.95
C THR B 235 -15.45 1.43 4.54
N LEU B 236 -16.24 1.98 5.46
CA LEU B 236 -16.90 3.27 5.20
C LEU B 236 -15.86 4.35 4.94
N LEU B 237 -14.76 4.37 5.71
CA LEU B 237 -13.67 5.33 5.43
C LEU B 237 -13.09 5.08 4.06
N HIS B 238 -12.83 3.81 3.75
CA HIS B 238 -12.28 3.51 2.42
C HIS B 238 -13.17 4.06 1.29
N LYS B 239 -14.46 3.84 1.38
CA LYS B 239 -15.41 4.40 0.42
C LYS B 239 -15.30 5.93 0.35
N GLN B 240 -15.16 6.58 1.50
CA GLN B 240 -15.11 8.04 1.56
C GLN B 240 -13.90 8.60 0.80
N PHE B 241 -12.84 7.81 0.74
CA PHE B 241 -11.62 8.21 0.00
C PHE B 241 -11.53 7.78 -1.45
N GLY B 242 -12.48 6.98 -1.93
CA GLY B 242 -12.52 6.57 -3.33
C GLY B 242 -12.44 7.77 -4.26
N GLY B 243 -11.54 7.72 -5.21
CA GLY B 243 -11.26 8.87 -6.00
C GLY B 243 -10.18 9.81 -5.48
N ARG B 244 -9.60 9.55 -4.30
CA ARG B 244 -8.53 10.40 -3.78
CA ARG B 244 -8.53 10.39 -3.77
C ARG B 244 -7.30 9.53 -3.50
N PRO B 245 -6.66 9.02 -4.56
CA PRO B 245 -5.51 8.08 -4.38
C PRO B 245 -4.30 8.72 -3.71
N GLU B 246 -4.25 10.03 -3.74
CA GLU B 246 -3.14 10.76 -3.16
C GLU B 246 -3.03 10.72 -1.61
N ILE B 247 -4.11 10.34 -0.92
CA ILE B 247 -4.11 10.24 0.52
C ILE B 247 -3.80 8.80 0.91
N VAL B 248 -2.79 8.65 1.75
CA VAL B 248 -2.37 7.36 2.28
CA VAL B 248 -2.40 7.34 2.20
C VAL B 248 -3.33 6.92 3.35
N LEU B 249 -4.01 5.81 3.13
CA LEU B 249 -4.92 5.23 4.05
C LEU B 249 -4.30 3.93 4.53
N ALA B 250 -4.24 3.72 5.84
CA ALA B 250 -3.80 2.47 6.42
C ALA B 250 -4.94 2.01 7.31
N LEU B 251 -5.59 0.90 6.95
CA LEU B 251 -6.80 0.44 7.61
C LEU B 251 -6.54 -0.94 8.27
N GLU B 252 -6.42 -0.96 9.58
CA GLU B 252 -6.21 -2.16 10.35
C GLU B 252 -7.54 -2.49 11.05
N MET B 253 -8.22 -3.51 10.53
CA MET B 253 -9.60 -3.83 10.88
C MET B 253 -9.71 -5.18 11.59
N GLY B 254 -10.92 -5.67 11.81
CA GLY B 254 -11.14 -6.84 12.63
C GLY B 254 -11.16 -8.11 11.77
N GLY B 255 -11.66 -9.18 12.36
CA GLY B 255 -11.53 -10.51 11.82
C GLY B 255 -12.63 -11.46 12.29
N ASN B 256 -12.67 -12.59 11.60
CA ASN B 256 -13.52 -13.72 11.98
C ASN B 256 -12.51 -14.88 12.00
N ASN B 257 -11.68 -14.91 13.04
CA ASN B 257 -10.46 -15.74 13.04
C ASN B 257 -10.76 -17.15 13.46
N PRO B 258 -10.33 -18.15 12.68
CA PRO B 258 -10.46 -19.57 13.05
C PRO B 258 -9.26 -20.14 13.77
N LEU B 259 -9.56 -20.99 14.77
CA LEU B 259 -8.55 -21.83 15.39
C LEU B 259 -8.94 -23.26 15.11
N VAL B 260 -8.11 -23.97 14.35
CA VAL B 260 -8.34 -25.38 14.05
C VAL B 260 -7.63 -26.24 15.06
N VAL B 261 -8.37 -27.14 15.67
CA VAL B 261 -7.80 -28.14 16.58
C VAL B 261 -7.75 -29.48 15.85
N ALA B 262 -6.58 -30.09 15.83
CA ALA B 262 -6.41 -31.45 15.34
C ALA B 262 -5.76 -32.33 16.42
N GLU B 263 -5.60 -33.60 16.11
CA GLU B 263 -5.04 -34.58 17.06
C GLU B 263 -3.79 -34.05 17.76
N VAL B 264 -3.87 -34.01 19.10
CA VAL B 264 -2.75 -33.68 19.96
C VAL B 264 -2.81 -34.59 21.18
N GLU B 265 -1.65 -34.95 21.71
CA GLU B 265 -1.56 -35.73 22.94
C GLU B 265 -1.85 -34.86 24.15
N ASP B 266 -1.28 -33.66 24.15
CA ASP B 266 -1.40 -32.77 25.27
C ASP B 266 -2.68 -31.93 25.15
N ILE B 267 -3.80 -32.55 25.48
CA ILE B 267 -5.09 -31.91 25.30
C ILE B 267 -5.20 -30.64 26.16
N ASP B 268 -4.68 -30.69 27.39
CA ASP B 268 -4.70 -29.46 28.23
C ASP B 268 -3.96 -28.24 27.67
N ALA B 269 -2.78 -28.44 27.10
CA ALA B 269 -2.10 -27.37 26.39
C ALA B 269 -2.95 -26.77 25.24
N ALA B 270 -3.59 -27.65 24.45
CA ALA B 270 -4.48 -27.21 23.38
C ALA B 270 -5.63 -26.39 23.94
N VAL B 271 -6.24 -26.86 25.04
CA VAL B 271 -7.30 -26.12 25.70
C VAL B 271 -6.80 -24.76 26.23
N HIS B 272 -5.64 -24.76 26.87
CA HIS B 272 -5.05 -23.51 27.29
C HIS B 272 -4.91 -22.53 26.11
N HIS B 273 -4.33 -22.98 25.02
CA HIS B 273 -4.13 -22.08 23.89
C HIS B 273 -5.47 -21.63 23.30
N ALA B 274 -6.46 -22.51 23.32
CA ALA B 274 -7.79 -22.16 22.86
C ALA B 274 -8.44 -21.12 23.76
N ILE B 275 -8.21 -21.24 25.07
CA ILE B 275 -8.74 -20.31 26.06
C ILE B 275 -8.11 -18.94 25.86
N GLN B 276 -6.79 -18.90 25.70
CA GLN B 276 -6.10 -17.65 25.46
C GLN B 276 -6.62 -17.04 24.15
N SER B 277 -6.73 -17.85 23.10
CA SER B 277 -7.20 -17.36 21.83
C SER B 277 -8.60 -16.77 21.91
N ALA B 278 -9.51 -17.42 22.59
CA ALA B 278 -10.91 -17.00 22.54
C ALA B 278 -11.25 -15.96 23.58
N PHE B 279 -10.59 -16.01 24.73
CA PHE B 279 -11.05 -15.23 25.88
C PHE B 279 -10.08 -14.21 26.48
N LEU B 280 -8.82 -14.20 26.06
CA LEU B 280 -7.91 -13.15 26.53
C LEU B 280 -8.47 -11.80 26.11
N SER B 281 -8.35 -10.79 26.98
CA SER B 281 -8.96 -9.46 26.75
C SER B 281 -10.45 -9.59 26.56
N ALA B 282 -11.03 -10.62 27.17
CA ALA B 282 -12.48 -10.91 27.03
C ALA B 282 -12.89 -10.98 25.57
N GLY B 283 -12.05 -11.63 24.78
CA GLY B 283 -12.34 -11.83 23.36
C GLY B 283 -12.26 -10.60 22.47
N GLN B 284 -11.71 -9.50 22.98
CA GLN B 284 -11.72 -8.24 22.24
C GLN B 284 -10.42 -7.93 21.47
N ARG B 285 -9.41 -8.78 21.52
CA ARG B 285 -8.26 -8.57 20.65
C ARG B 285 -8.70 -8.74 19.20
N CYS B 286 -8.08 -8.01 18.29
CA CYS B 286 -8.39 -8.16 16.88
C CYS B 286 -8.11 -9.65 16.43
N THR B 287 -7.12 -10.27 17.06
CA THR B 287 -6.62 -11.62 16.73
C THR B 287 -7.29 -12.77 17.52
N CYS B 288 -8.27 -12.46 18.36
CA CYS B 288 -8.97 -13.48 19.13
C CYS B 288 -9.73 -14.44 18.17
N ALA B 289 -9.72 -15.72 18.51
CA ALA B 289 -10.45 -16.74 17.78
C ALA B 289 -11.93 -16.57 17.94
N ARG B 290 -12.62 -16.38 16.83
CA ARG B 290 -14.09 -16.39 16.83
C ARG B 290 -14.67 -17.78 16.66
N ARG B 291 -14.02 -18.62 15.85
CA ARG B 291 -14.46 -19.98 15.54
C ARG B 291 -13.41 -20.95 15.95
N ILE B 292 -13.79 -21.94 16.72
CA ILE B 292 -12.89 -23.01 17.10
C ILE B 292 -13.43 -24.23 16.38
N LEU B 293 -12.63 -24.77 15.45
CA LEU B 293 -12.95 -25.90 14.63
C LEU B 293 -12.37 -27.16 15.25
N VAL B 294 -13.24 -28.11 15.56
CA VAL B 294 -12.89 -29.28 16.34
C VAL B 294 -13.45 -30.51 15.59
N PRO B 295 -12.62 -31.57 15.45
CA PRO B 295 -13.06 -32.72 14.64
C PRO B 295 -14.15 -33.50 15.31
N ARG B 296 -15.05 -34.06 14.51
CA ARG B 296 -16.01 -35.05 15.02
C ARG B 296 -15.22 -36.26 15.47
N GLY B 297 -15.74 -36.95 16.49
CA GLY B 297 -15.14 -38.16 17.04
C GLY B 297 -14.74 -37.99 18.48
N ALA B 298 -14.17 -39.05 19.03
CA ALA B 298 -13.88 -39.11 20.45
C ALA B 298 -12.85 -38.09 20.89
N PHE B 299 -11.77 -37.96 20.15
CA PHE B 299 -10.77 -36.96 20.47
C PHE B 299 -11.38 -35.56 20.57
N GLY B 300 -12.17 -35.20 19.57
CA GLY B 300 -12.79 -33.87 19.54
C GLY B 300 -13.80 -33.66 20.65
N ASP B 301 -14.57 -34.71 20.97
CA ASP B 301 -15.48 -34.67 22.10
C ASP B 301 -14.72 -34.41 23.41
N ARG B 302 -13.61 -35.11 23.64
CA ARG B 302 -12.78 -34.87 24.84
C ARG B 302 -12.20 -33.46 24.93
N PHE B 303 -11.74 -32.93 23.80
CA PHE B 303 -11.29 -31.54 23.75
C PHE B 303 -12.39 -30.56 24.16
N VAL B 304 -13.56 -30.70 23.55
CA VAL B 304 -14.67 -29.81 23.87
C VAL B 304 -15.03 -29.92 25.33
N ALA B 305 -15.08 -31.15 25.87
CA ALA B 305 -15.41 -31.32 27.29
C ALA B 305 -14.38 -30.65 28.17
N ARG B 306 -13.09 -30.84 27.85
CA ARG B 306 -12.06 -30.21 28.68
C ARG B 306 -12.09 -28.70 28.54
N LEU B 307 -12.35 -28.22 27.33
CA LEU B 307 -12.44 -26.78 27.07
C LEU B 307 -13.56 -26.18 27.92
N ALA B 308 -14.73 -26.84 27.92
CA ALA B 308 -15.87 -26.33 28.69
C ALA B 308 -15.60 -26.38 30.18
N ASP B 309 -14.91 -27.43 30.64
CA ASP B 309 -14.55 -27.58 32.06
C ASP B 309 -13.69 -26.41 32.55
N VAL B 310 -12.65 -26.09 31.81
CA VAL B 310 -11.78 -25.00 32.17
C VAL B 310 -12.43 -23.65 31.97
N ALA B 311 -13.11 -23.46 30.83
CA ALA B 311 -13.75 -22.18 30.56
C ALA B 311 -14.80 -21.86 31.59
N SER B 312 -15.47 -22.89 32.10
CA SER B 312 -16.52 -22.69 33.11
CA SER B 312 -16.50 -22.72 33.13
C SER B 312 -15.96 -22.07 34.40
N LYS B 313 -14.65 -22.23 34.65
CA LYS B 313 -14.05 -21.67 35.84
C LYS B 313 -13.41 -20.31 35.62
N ILE B 314 -13.50 -19.75 34.42
CA ILE B 314 -13.00 -18.39 34.18
C ILE B 314 -13.83 -17.37 34.94
N THR B 315 -13.09 -16.49 35.59
CA THR B 315 -13.52 -15.39 36.41
C THR B 315 -13.41 -14.09 35.63
N ALA B 316 -14.48 -13.29 35.63
CA ALA B 316 -14.45 -11.95 35.05
C ALA B 316 -14.69 -11.06 36.24
N SER B 317 -13.88 -10.04 36.40
CA SER B 317 -14.10 -9.14 37.52
C SER B 317 -13.56 -7.75 37.22
N VAL B 318 -13.63 -6.86 38.21
CA VAL B 318 -13.17 -5.49 38.04
C VAL B 318 -11.68 -5.49 37.82
N PHE B 319 -11.18 -4.43 37.20
CA PHE B 319 -9.79 -4.46 36.68
C PHE B 319 -8.74 -4.63 37.79
N ASP B 320 -9.08 -4.14 38.98
CA ASP B 320 -8.18 -4.09 40.13
C ASP B 320 -8.60 -5.10 41.22
N ALA B 321 -9.35 -6.13 40.85
CA ALA B 321 -9.81 -7.13 41.82
C ALA B 321 -8.63 -7.87 42.39
N ASP B 322 -8.76 -8.23 43.66
CA ASP B 322 -7.79 -9.05 44.36
C ASP B 322 -8.56 -10.22 44.98
N PRO B 323 -8.35 -11.43 44.47
CA PRO B 323 -7.43 -11.84 43.41
C PRO B 323 -7.81 -11.34 42.00
N GLN B 324 -6.79 -11.26 41.14
CA GLN B 324 -6.97 -10.78 39.79
C GLN B 324 -7.78 -11.83 39.00
N PRO B 325 -8.68 -11.35 38.14
CA PRO B 325 -9.39 -12.21 37.22
C PRO B 325 -8.60 -12.46 35.94
N PHE B 326 -8.97 -13.51 35.19
CA PHE B 326 -8.42 -13.72 33.87
C PHE B 326 -8.85 -12.62 32.92
N MET B 327 -10.12 -12.25 32.99
CA MET B 327 -10.64 -11.27 32.09
C MET B 327 -11.55 -10.24 32.80
N GLY B 328 -11.77 -9.11 32.14
CA GLY B 328 -12.60 -8.07 32.68
C GLY B 328 -13.97 -8.06 32.06
N ALA B 329 -14.72 -7.03 32.38
CA ALA B 329 -15.93 -6.70 31.64
C ALA B 329 -15.50 -6.37 30.20
N VAL B 330 -16.42 -6.52 29.24
CA VAL B 330 -16.20 -5.95 27.91
C VAL B 330 -16.32 -4.41 28.03
N ILE B 331 -16.01 -3.72 26.94
CA ILE B 331 -15.85 -2.28 26.94
C ILE B 331 -17.06 -1.50 27.46
N SER B 332 -18.27 -1.98 27.23
CA SER B 332 -19.44 -1.26 27.68
C SER B 332 -20.59 -2.21 27.99
N ALA B 333 -21.54 -1.72 28.78
CA ALA B 333 -22.76 -2.45 29.00
C ALA B 333 -23.46 -2.73 27.69
N ARG B 334 -23.42 -1.76 26.78
CA ARG B 334 -24.06 -1.93 25.46
C ARG B 334 -23.41 -3.05 24.67
N ALA B 335 -22.09 -3.18 24.71
CA ALA B 335 -21.44 -4.23 23.97
C ALA B 335 -21.79 -5.60 24.57
N ALA B 336 -21.87 -5.65 25.89
CA ALA B 336 -22.33 -6.86 26.58
C ALA B 336 -23.72 -7.32 26.10
N SER B 337 -24.65 -6.36 26.06
CA SER B 337 -26.02 -6.57 25.60
CA SER B 337 -26.01 -6.65 25.64
C SER B 337 -26.06 -7.08 24.17
N ARG B 338 -25.21 -6.49 23.32
CA ARG B 338 -25.10 -6.85 21.93
C ARG B 338 -24.56 -8.29 21.76
N LEU B 339 -23.66 -8.75 22.63
CA LEU B 339 -23.12 -10.12 22.50
C LEU B 339 -24.21 -11.12 22.88
N VAL B 340 -24.94 -10.84 23.95
CA VAL B 340 -26.04 -11.75 24.37
C VAL B 340 -27.13 -11.82 23.26
N ALA B 341 -27.43 -10.67 22.63
CA ALA B 341 -28.36 -10.66 21.48
C ALA B 341 -27.81 -11.47 20.29
N ALA B 342 -26.49 -11.41 20.08
CA ALA B 342 -25.92 -12.17 18.97
C ALA B 342 -26.08 -13.64 19.29
N GLN B 343 -25.83 -14.02 20.54
CA GLN B 343 -26.06 -15.39 20.93
C GLN B 343 -27.52 -15.85 20.63
N ALA B 344 -28.51 -15.04 21.01
CA ALA B 344 -29.90 -15.40 20.77
C ALA B 344 -30.16 -15.53 19.30
N ARG B 345 -29.60 -14.66 18.46
CA ARG B 345 -29.79 -14.75 17.01
CA ARG B 345 -29.86 -14.77 17.03
C ARG B 345 -29.29 -16.08 16.49
N LEU B 346 -28.09 -16.47 16.92
CA LEU B 346 -27.50 -17.72 16.46
C LEU B 346 -28.27 -18.94 16.99
N VAL B 347 -28.78 -18.87 18.21
CA VAL B 347 -29.58 -19.97 18.72
C VAL B 347 -30.85 -20.12 17.84
N GLY B 348 -31.38 -19.00 17.40
CA GLY B 348 -32.52 -19.00 16.52
C GLY B 348 -32.20 -19.70 15.20
N LEU B 349 -30.96 -19.60 14.72
CA LEU B 349 -30.54 -20.33 13.52
C LEU B 349 -30.13 -21.80 13.77
N GLY B 350 -30.31 -22.27 15.01
CA GLY B 350 -30.06 -23.65 15.34
C GLY B 350 -28.78 -23.94 16.14
N ALA B 351 -28.10 -22.90 16.61
CA ALA B 351 -26.94 -23.07 17.46
C ALA B 351 -27.41 -23.57 18.84
N SER B 352 -26.49 -24.20 19.55
CA SER B 352 -26.78 -24.79 20.85
C SER B 352 -25.68 -24.35 21.85
N PRO B 353 -26.05 -23.77 23.01
CA PRO B 353 -25.02 -23.42 23.97
C PRO B 353 -24.27 -24.58 24.57
N ILE B 354 -22.97 -24.44 24.69
CA ILE B 354 -22.16 -25.34 25.53
C ILE B 354 -21.97 -24.69 26.88
N ILE B 355 -21.48 -23.46 26.90
CA ILE B 355 -21.63 -22.58 28.06
C ILE B 355 -22.40 -21.37 27.52
N GLU B 356 -23.59 -21.16 28.05
CA GLU B 356 -24.46 -20.01 27.71
C GLU B 356 -23.95 -18.69 28.28
N MET B 357 -23.93 -17.65 27.44
CA MET B 357 -23.55 -16.31 27.91
C MET B 357 -24.68 -15.61 28.61
N LYS B 358 -24.36 -15.03 29.77
CA LYS B 358 -25.27 -14.15 30.46
C LYS B 358 -24.58 -12.84 30.73
N GLN B 359 -25.36 -11.77 30.75
CA GLN B 359 -24.87 -10.47 31.17
C GLN B 359 -25.13 -10.39 32.67
N ARG B 360 -24.09 -10.18 33.48
CA ARG B 360 -24.25 -10.18 34.93
C ARG B 360 -25.28 -9.14 35.42
N ASP B 361 -25.12 -7.92 34.92
CA ASP B 361 -25.85 -6.75 35.41
C ASP B 361 -26.04 -5.87 34.17
N PRO B 362 -27.28 -5.44 33.91
CA PRO B 362 -27.62 -4.68 32.72
C PRO B 362 -26.90 -3.33 32.63
N ALA B 363 -26.41 -2.82 33.75
CA ALA B 363 -25.69 -1.53 33.79
C ALA B 363 -24.20 -1.68 33.54
N LEU B 364 -23.73 -2.92 33.54
CA LEU B 364 -22.32 -3.25 33.45
C LEU B 364 -21.97 -4.08 32.23
N GLY B 365 -20.68 -4.05 31.90
CA GLY B 365 -20.11 -4.80 30.81
C GLY B 365 -19.75 -6.25 31.04
N PHE B 366 -20.05 -6.80 32.20
CA PHE B 366 -19.70 -8.17 32.50
C PHE B 366 -20.56 -9.20 31.76
N VAL B 367 -19.88 -10.03 30.97
CA VAL B 367 -20.42 -11.27 30.43
C VAL B 367 -19.46 -12.41 30.75
N ASN B 368 -19.95 -13.63 30.88
CA ASN B 368 -19.06 -14.78 31.10
C ASN B 368 -18.40 -15.27 29.83
N ALA B 369 -17.32 -16.05 29.97
CA ALA B 369 -16.67 -16.69 28.83
C ALA B 369 -17.58 -17.80 28.34
N ALA B 370 -18.06 -17.68 27.11
CA ALA B 370 -19.16 -18.51 26.61
C ALA B 370 -18.74 -19.29 25.38
N ILE B 371 -19.38 -20.43 25.19
CA ILE B 371 -19.07 -21.33 24.09
C ILE B 371 -20.39 -21.79 23.51
N LEU B 372 -20.55 -21.57 22.22
CA LEU B 372 -21.79 -21.84 21.47
C LEU B 372 -21.48 -22.80 20.33
N ASP B 373 -22.20 -23.92 20.25
CA ASP B 373 -22.01 -24.86 19.14
C ASP B 373 -22.81 -24.41 17.93
N VAL B 374 -22.14 -23.98 16.86
CA VAL B 374 -22.84 -23.45 15.69
C VAL B 374 -22.84 -24.42 14.49
N THR B 375 -22.39 -25.66 14.74
CA THR B 375 -22.29 -26.69 13.69
C THR B 375 -23.60 -26.87 12.93
N ASN B 376 -24.73 -26.81 13.63
CA ASN B 376 -26.03 -26.92 12.95
C ASN B 376 -26.59 -25.71 12.25
N VAL B 377 -25.91 -24.57 12.31
CA VAL B 377 -26.37 -23.40 11.61
C VAL B 377 -26.11 -23.55 10.12
N ARG B 378 -27.17 -23.50 9.30
CA ARG B 378 -27.03 -23.74 7.87
C ARG B 378 -26.16 -22.70 7.22
N GLU B 379 -26.45 -21.41 7.43
CA GLU B 379 -25.66 -20.32 6.84
C GLU B 379 -25.03 -19.49 7.96
N LEU B 380 -23.79 -19.79 8.34
CA LEU B 380 -23.20 -19.16 9.54
C LEU B 380 -22.82 -17.73 9.20
N PRO B 381 -23.29 -16.74 9.98
CA PRO B 381 -22.93 -15.40 9.59
C PRO B 381 -21.42 -15.13 9.66
N ASP B 382 -20.92 -14.37 8.70
CA ASP B 382 -19.53 -14.04 8.58
C ASP B 382 -19.38 -12.66 9.15
N GLU B 383 -19.15 -12.61 10.46
CA GLU B 383 -19.17 -11.35 11.18
C GLU B 383 -17.93 -11.17 12.04
N GLU B 384 -17.62 -9.92 12.25
CA GLU B 384 -16.45 -9.49 12.97
C GLU B 384 -16.66 -9.68 14.46
N HIS B 385 -15.63 -10.14 15.13
CA HIS B 385 -15.73 -10.55 16.54
C HIS B 385 -15.63 -9.32 17.47
N PHE B 386 -16.30 -9.33 18.62
CA PHE B 386 -16.07 -8.28 19.61
C PHE B 386 -16.26 -8.68 21.10
N GLY B 387 -16.13 -9.95 21.42
CA GLY B 387 -16.34 -10.37 22.80
C GLY B 387 -16.18 -11.87 22.98
N PRO B 388 -16.32 -12.35 24.21
CA PRO B 388 -16.01 -13.72 24.57
C PRO B 388 -17.12 -14.75 24.30
N LEU B 389 -17.62 -14.78 23.07
CA LEU B 389 -18.64 -15.73 22.60
C LEU B 389 -17.95 -16.60 21.54
N ALA B 390 -17.33 -17.68 21.99
CA ALA B 390 -16.60 -18.54 21.11
C ALA B 390 -17.52 -19.55 20.40
N GLN B 391 -17.36 -19.69 19.10
CA GLN B 391 -18.22 -20.60 18.31
C GLN B 391 -17.49 -21.90 17.94
N ILE B 392 -18.05 -23.03 18.36
CA ILE B 392 -17.52 -24.32 18.02
C ILE B 392 -18.15 -24.79 16.71
N VAL B 393 -17.31 -25.28 15.81
CA VAL B 393 -17.75 -25.82 14.52
C VAL B 393 -17.10 -27.19 14.42
N ARG B 394 -17.90 -28.24 14.28
CA ARG B 394 -17.34 -29.59 14.23
C ARG B 394 -17.11 -29.96 12.76
N TYR B 395 -15.93 -30.49 12.48
CA TYR B 395 -15.53 -30.78 11.10
C TYR B 395 -15.16 -32.27 10.93
N THR B 396 -14.89 -32.67 9.69
CA THR B 396 -14.52 -34.07 9.38
C THR B 396 -13.00 -34.28 9.35
N ASP B 397 -12.38 -34.04 8.20
CA ASP B 397 -10.93 -34.19 8.04
C ASP B 397 -10.25 -32.81 7.86
N LEU B 398 -8.92 -32.81 7.83
CA LEU B 398 -8.16 -31.56 7.79
C LEU B 398 -8.59 -30.68 6.61
N ASP B 399 -8.84 -31.27 5.44
CA ASP B 399 -9.29 -30.47 4.29
C ASP B 399 -10.60 -29.73 4.58
N ASP B 400 -11.49 -30.38 5.30
CA ASP B 400 -12.78 -29.79 5.65
C ASP B 400 -12.57 -28.65 6.64
N ALA B 401 -11.73 -28.87 7.66
CA ALA B 401 -11.36 -27.79 8.60
C ALA B 401 -10.77 -26.58 7.87
N ILE B 402 -9.92 -26.85 6.91
CA ILE B 402 -9.30 -25.79 6.14
C ILE B 402 -10.33 -25.04 5.30
N ALA B 403 -11.21 -25.76 4.60
CA ALA B 403 -12.26 -25.11 3.84
C ALA B 403 -13.11 -24.21 4.74
N ARG B 404 -13.50 -24.74 5.89
CA ARG B 404 -14.35 -23.98 6.79
C ARG B 404 -13.60 -22.79 7.37
N ALA B 405 -12.36 -23.00 7.78
CA ALA B 405 -11.55 -21.90 8.32
C ALA B 405 -11.47 -20.74 7.34
N ASN B 406 -11.30 -21.05 6.07
CA ASN B 406 -11.19 -20.05 4.99
C ASN B 406 -12.53 -19.50 4.50
N ASP B 407 -13.63 -20.00 5.05
CA ASP B 407 -14.97 -19.57 4.62
C ASP B 407 -15.37 -18.26 5.30
N THR B 408 -14.71 -17.18 4.90
CA THR B 408 -14.92 -15.87 5.46
C THR B 408 -14.31 -14.88 4.47
N ALA B 409 -14.83 -13.65 4.46
CA ALA B 409 -14.25 -12.54 3.73
C ALA B 409 -13.12 -11.82 4.53
N PHE B 410 -12.92 -12.20 5.78
CA PHE B 410 -11.85 -11.62 6.64
C PHE B 410 -10.58 -12.48 6.54
N GLY B 411 -9.49 -12.05 7.15
CA GLY B 411 -8.24 -12.80 7.03
C GLY B 411 -7.18 -12.24 7.95
N LEU B 412 -7.55 -12.01 9.21
CA LEU B 412 -6.59 -11.38 10.14
C LEU B 412 -5.68 -12.46 10.73
N SER B 413 -6.22 -13.30 11.62
CA SER B 413 -5.45 -14.39 12.20
C SER B 413 -6.05 -15.77 12.01
N ALA B 414 -5.21 -16.78 12.26
CA ALA B 414 -5.64 -18.15 12.28
C ALA B 414 -4.60 -18.98 13.02
N GLY B 415 -4.97 -20.15 13.48
CA GLY B 415 -4.03 -21.04 14.20
C GLY B 415 -4.37 -22.48 13.97
N LEU B 416 -3.37 -23.33 14.13
CA LEU B 416 -3.55 -24.78 14.13
C LEU B 416 -2.91 -25.30 15.38
N LEU B 417 -3.65 -26.13 16.11
CA LEU B 417 -3.10 -26.92 17.21
C LEU B 417 -3.06 -28.38 16.72
N ALA B 418 -1.86 -28.93 16.56
CA ALA B 418 -1.66 -30.26 15.97
C ALA B 418 -0.25 -30.72 16.20
N ASP B 419 -0.05 -31.98 16.58
CA ASP B 419 1.28 -32.55 16.70
C ASP B 419 1.94 -32.81 15.35
N ASP B 420 1.15 -33.15 14.33
CA ASP B 420 1.71 -33.55 13.04
C ASP B 420 2.20 -32.35 12.20
N GLU B 421 3.51 -32.25 12.01
CA GLU B 421 4.11 -31.20 11.20
C GLU B 421 3.55 -31.12 9.77
N GLN B 422 3.04 -32.24 9.27
CA GLN B 422 2.46 -32.34 7.92
C GLN B 422 1.12 -31.62 7.82
N ALA B 423 0.33 -31.75 8.87
CA ALA B 423 -0.90 -31.04 9.01
C ALA B 423 -0.61 -29.53 9.01
N TRP B 424 0.41 -29.11 9.74
CA TRP B 424 0.85 -27.70 9.68
C TRP B 424 1.21 -27.24 8.26
N HIS B 425 2.03 -28.01 7.56
CA HIS B 425 2.47 -27.68 6.21
C HIS B 425 1.24 -27.46 5.29
N THR B 426 0.27 -28.38 5.36
CA THR B 426 -0.95 -28.30 4.58
C THR B 426 -1.77 -27.08 4.96
N PHE B 427 -1.85 -26.85 6.27
CA PHE B 427 -2.65 -25.80 6.83
C PHE B 427 -2.12 -24.46 6.44
N ARG B 428 -0.83 -24.22 6.66
CA ARG B 428 -0.28 -22.90 6.42
C ARG B 428 -0.21 -22.60 4.93
N ARG B 429 -0.08 -23.62 4.08
CA ARG B 429 -0.05 -23.35 2.64
C ARG B 429 -1.44 -22.96 2.09
N ALA B 430 -2.51 -23.31 2.78
CA ALA B 430 -3.87 -23.07 2.29
C ALA B 430 -4.61 -21.92 3.01
N ILE B 431 -4.37 -21.71 4.29
CA ILE B 431 -5.06 -20.65 5.03
C ILE B 431 -4.74 -19.26 4.45
N ARG B 432 -5.73 -18.37 4.48
CA ARG B 432 -5.58 -17.02 3.96
C ARG B 432 -5.67 -16.03 5.11
N ALA B 433 -4.53 -15.71 5.70
CA ALA B 433 -4.51 -14.83 6.84
C ALA B 433 -3.14 -14.25 7.04
N GLY B 434 -3.10 -13.14 7.75
CA GLY B 434 -1.80 -12.42 7.93
C GLY B 434 -0.99 -12.82 9.13
N ILE B 435 -1.65 -13.45 10.09
CA ILE B 435 -1.04 -13.90 11.34
C ILE B 435 -1.48 -15.36 11.48
N VAL B 436 -0.54 -16.31 11.38
CA VAL B 436 -0.94 -17.70 11.38
C VAL B 436 0.03 -18.49 12.21
N ASN B 437 -0.46 -19.07 13.31
CA ASN B 437 0.40 -19.70 14.27
C ASN B 437 0.21 -21.18 14.39
N TRP B 438 1.26 -21.88 14.81
CA TRP B 438 1.18 -23.31 15.00
C TRP B 438 1.48 -23.61 16.48
N ASN B 439 0.53 -24.26 17.15
CA ASN B 439 0.70 -24.66 18.55
C ASN B 439 0.96 -23.49 19.48
N ARG B 440 0.32 -22.38 19.16
CA ARG B 440 0.32 -21.17 20.00
C ARG B 440 -1.11 -20.58 19.89
N PRO B 441 -1.53 -19.76 20.85
CA PRO B 441 -2.76 -18.98 20.68
C PRO B 441 -2.75 -18.13 19.40
N THR B 442 -3.92 -17.84 18.86
CA THR B 442 -4.04 -17.01 17.71
C THR B 442 -3.67 -15.55 17.94
N ASN B 443 -3.49 -15.16 19.19
CA ASN B 443 -3.10 -13.79 19.52
C ASN B 443 -1.64 -13.73 19.89
N GLY B 444 -0.92 -14.83 19.61
CA GLY B 444 0.53 -14.85 19.60
C GLY B 444 1.11 -14.09 18.39
N ALA B 445 2.06 -13.21 18.67
CA ALA B 445 2.67 -12.42 17.62
C ALA B 445 4.09 -12.02 18.05
N SER B 446 5.01 -11.94 17.10
CA SER B 446 6.32 -11.34 17.34
C SER B 446 6.18 -9.86 17.14
N SER B 447 6.69 -9.12 18.10
CA SER B 447 6.63 -7.67 18.05
C SER B 447 7.39 -7.06 16.81
N ALA B 448 8.37 -7.80 16.32
CA ALA B 448 9.26 -7.41 15.26
C ALA B 448 8.83 -7.92 13.87
N ALA B 449 7.61 -8.43 13.76
CA ALA B 449 7.08 -8.89 12.45
C ALA B 449 5.96 -7.97 11.93
N PRO B 450 5.70 -8.00 10.61
CA PRO B 450 4.57 -7.23 10.09
C PRO B 450 3.26 -7.74 10.68
N PHE B 451 2.31 -6.86 10.77
CA PHE B 451 1.00 -7.22 11.31
C PHE B 451 -0.07 -6.60 10.42
N GLY B 452 -0.67 -7.43 9.56
CA GLY B 452 -1.65 -6.96 8.62
C GLY B 452 -2.61 -8.08 8.23
N GLY B 453 -3.91 -7.79 8.24
CA GLY B 453 -4.87 -8.80 7.79
C GLY B 453 -5.16 -8.76 6.31
N ALA B 454 -5.51 -9.92 5.75
CA ALA B 454 -5.95 -10.08 4.38
C ALA B 454 -7.46 -9.87 4.31
N GLY B 455 -8.00 -9.85 3.11
CA GLY B 455 -9.42 -9.56 2.87
C GLY B 455 -9.95 -8.29 3.55
N ARG B 456 -11.15 -8.38 4.15
CA ARG B 456 -11.77 -7.21 4.78
C ARG B 456 -11.12 -6.79 6.11
N SER B 457 -10.05 -7.49 6.50
CA SER B 457 -9.32 -7.17 7.70
C SER B 457 -8.25 -6.10 7.53
N GLY B 458 -8.03 -5.68 6.30
CA GLY B 458 -7.06 -4.63 6.05
C GLY B 458 -7.18 -4.10 4.63
N ASN B 459 -6.22 -3.28 4.23
CA ASN B 459 -6.13 -2.74 2.86
C ASN B 459 -4.71 -2.81 2.34
N HIS B 460 -4.05 -3.91 2.65
CA HIS B 460 -2.67 -4.19 2.22
C HIS B 460 -1.71 -3.10 2.56
N ARG B 461 -1.87 -2.56 3.77
CA ARG B 461 -0.91 -1.69 4.41
C ARG B 461 -0.62 -2.24 5.82
N PRO B 462 0.08 -3.38 5.87
CA PRO B 462 0.39 -3.99 7.13
C PRO B 462 1.13 -3.05 8.05
N SER B 463 0.79 -3.12 9.33
CA SER B 463 1.40 -2.30 10.36
C SER B 463 2.44 -3.14 11.12
N ALA B 464 2.64 -2.83 12.39
CA ALA B 464 3.79 -3.33 13.19
C ALA B 464 5.06 -3.07 12.43
N TYR B 465 5.84 -4.12 12.13
CA TYR B 465 7.14 -3.90 11.52
C TYR B 465 7.04 -3.16 10.18
N TYR B 466 6.00 -3.41 9.40
CA TYR B 466 5.89 -2.72 8.08
C TYR B 466 5.13 -1.36 8.15
N ALA B 467 4.80 -0.87 9.34
CA ALA B 467 4.22 0.49 9.49
C ALA B 467 5.11 1.54 8.82
N ALA B 468 6.42 1.32 8.85
CA ALA B 468 7.34 2.26 8.23
C ALA B 468 6.94 2.52 6.78
N ASP B 469 6.46 1.49 6.10
CA ASP B 469 6.20 1.54 4.66
C ASP B 469 5.12 2.59 4.35
N TYR B 470 4.15 2.79 5.25
CA TYR B 470 3.11 3.77 4.94
C TYR B 470 3.39 5.12 5.60
N CYS B 471 4.45 5.18 6.39
CA CYS B 471 4.83 6.41 7.10
C CYS B 471 5.78 7.29 6.32
N ALA B 472 6.41 6.73 5.30
CA ALA B 472 7.31 7.47 4.42
C ALA B 472 7.28 6.93 3.01
N TYR B 473 7.46 7.82 2.03
CA TYR B 473 7.52 7.38 0.61
C TYR B 473 8.94 7.45 0.11
N PRO B 474 9.35 6.54 -0.80
CA PRO B 474 10.70 6.57 -1.35
C PRO B 474 10.87 7.70 -2.30
N MET B 475 12.01 8.35 -2.23
CA MET B 475 12.38 9.30 -3.25
C MET B 475 13.72 8.85 -3.80
N ALA B 476 13.76 8.52 -5.09
CA ALA B 476 14.94 7.91 -5.70
C ALA B 476 15.58 8.96 -6.60
N SER B 477 16.90 9.05 -6.50
CA SER B 477 17.65 10.07 -7.20
C SER B 477 18.83 9.43 -7.89
N VAL B 478 19.18 10.01 -9.02
CA VAL B 478 20.52 9.83 -9.61
C VAL B 478 21.14 11.22 -9.55
N GLU B 479 22.28 11.31 -8.88
CA GLU B 479 22.98 12.57 -8.63
C GLU B 479 24.31 12.54 -9.38
N SER B 480 24.54 13.56 -10.20
CA SER B 480 25.84 13.74 -10.84
C SER B 480 26.36 15.12 -10.49
N ALA B 481 27.18 15.20 -9.44
CA ALA B 481 27.61 16.52 -8.95
C ALA B 481 28.31 17.31 -10.06
N GLN B 482 29.10 16.59 -10.87
CA GLN B 482 29.68 17.08 -12.13
C GLN B 482 28.73 16.90 -13.34
N LEU B 483 28.20 18.01 -13.84
CA LEU B 483 27.33 18.00 -15.03
C LEU B 483 28.19 17.79 -16.23
N GLN B 484 27.80 16.88 -17.12
CA GLN B 484 28.62 16.61 -18.33
C GLN B 484 27.81 16.09 -19.50
N MET B 485 28.27 16.37 -20.72
CA MET B 485 27.79 15.70 -21.94
C MET B 485 28.13 14.21 -21.87
N PRO B 486 27.33 13.37 -22.54
CA PRO B 486 27.65 11.95 -22.55
C PRO B 486 28.79 11.63 -23.50
N ALA B 487 29.24 10.38 -23.47
CA ALA B 487 30.27 9.89 -24.40
C ALA B 487 29.88 10.15 -25.87
N SER B 488 28.90 9.39 -26.37
CA SER B 488 28.32 9.66 -27.70
C SER B 488 26.83 10.03 -27.57
N LEU B 489 26.39 10.92 -28.45
CA LEU B 489 25.02 11.38 -28.45
C LEU B 489 24.03 10.33 -28.98
N SER B 490 22.83 10.27 -28.37
CA SER B 490 21.69 9.59 -29.01
C SER B 490 21.62 10.03 -30.46
N PRO B 491 21.10 9.15 -31.33
CA PRO B 491 20.93 9.53 -32.72
C PRO B 491 20.03 10.75 -32.84
N GLY B 492 20.31 11.57 -33.84
CA GLY B 492 19.44 12.71 -34.18
C GLY B 492 19.57 13.97 -33.32
N LEU B 493 20.62 14.01 -32.49
CA LEU B 493 20.93 15.16 -31.65
C LEU B 493 22.07 15.89 -32.29
N HIS B 494 21.91 17.17 -32.56
CA HIS B 494 22.93 17.98 -33.26
C HIS B 494 23.35 19.22 -32.47
N PHE B 495 24.55 19.17 -31.89
CA PHE B 495 25.08 20.30 -31.14
C PHE B 495 26.08 21.15 -31.93
#